data_3LOR
#
_entry.id   3LOR
#
_cell.length_a   78.190
_cell.length_b   78.892
_cell.length_c   124.229
_cell.angle_alpha   90.00
_cell.angle_beta   90.00
_cell.angle_gamma   90.00
#
_symmetry.space_group_name_H-M   'P 21 21 21'
#
loop_
_entity.id
_entity.type
_entity.pdbx_description
1 polymer 'Thiol-disulfide isomerase and thioredoxins'
2 non-polymer 'CHLORIDE ION'
3 non-polymer 'CALCIUM ION'
4 non-polymer 'ACETATE ION'
5 water water
#
_entity_poly.entity_id   1
_entity_poly.type   'polypeptide(L)'
_entity_poly.pdbx_seq_one_letter_code
;(MSE)SSLDNAPLLELDVQEWVNHEGLSNEDLRGKVVVVEVFQ(MSE)LCPGCVNHGVPQAQKIHR(MSE)IDESQVQVI
GLHSVFEHHDV(MSE)TPEALKVFIDEFGIKFPVAVD(MSE)PREGQRIPST(MSE)KKYRLEGTPSIILADRKGRIRQV
QFGQVDDFVLGLLLGSLLSETDET
;
_entity_poly.pdbx_strand_id   A,B,C,D
#
loop_
_chem_comp.id
_chem_comp.type
_chem_comp.name
_chem_comp.formula
ACT non-polymer 'ACETATE ION' 'C2 H3 O2 -1'
CA non-polymer 'CALCIUM ION' 'Ca 2'
CL non-polymer 'CHLORIDE ION' 'Cl -1'
#
# COMPACT_ATOMS: atom_id res chain seq x y z
N LEU A 4 -28.19 -25.43 3.90
CA LEU A 4 -27.01 -26.07 3.38
C LEU A 4 -27.44 -27.27 2.60
N ASP A 5 -28.61 -27.78 2.94
CA ASP A 5 -29.17 -28.91 2.24
C ASP A 5 -29.45 -28.51 0.80
N ASN A 6 -29.83 -27.28 0.64
CA ASN A 6 -30.03 -26.70 -0.66
C ASN A 6 -28.80 -26.34 -1.49
N ALA A 7 -27.65 -26.26 -0.88
CA ALA A 7 -26.47 -25.83 -1.59
C ALA A 7 -26.01 -26.87 -2.61
N PRO A 8 -25.71 -26.41 -3.79
CA PRO A 8 -25.17 -27.25 -4.85
C PRO A 8 -23.74 -27.60 -4.63
N LEU A 9 -23.32 -28.76 -5.09
CA LEU A 9 -21.94 -29.18 -5.07
C LEU A 9 -21.11 -28.44 -6.08
N LEU A 10 -19.85 -28.25 -5.78
CA LEU A 10 -18.99 -27.68 -6.76
C LEU A 10 -18.68 -28.68 -7.86
N GLU A 11 -18.97 -28.28 -9.09
CA GLU A 11 -18.67 -29.05 -10.28
C GLU A 11 -18.08 -28.19 -11.37
N LEU A 12 -16.78 -28.19 -11.46
CA LEU A 12 -16.12 -27.48 -12.51
C LEU A 12 -16.35 -28.19 -13.81
N ASP A 13 -16.66 -27.47 -14.89
CA ASP A 13 -16.65 -28.07 -16.20
C ASP A 13 -15.37 -27.61 -16.87
N VAL A 14 -14.45 -28.52 -17.07
CA VAL A 14 -13.12 -28.16 -17.52
C VAL A 14 -12.71 -28.67 -18.89
N GLN A 15 -12.34 -27.78 -19.81
CA GLN A 15 -11.74 -28.23 -21.04
C GLN A 15 -10.38 -28.88 -20.87
N GLU A 16 -9.49 -28.26 -20.11
CA GLU A 16 -8.23 -28.89 -19.81
C GLU A 16 -7.55 -28.31 -18.58
N TRP A 17 -6.68 -29.08 -17.96
CA TRP A 17 -5.86 -28.58 -16.89
C TRP A 17 -4.45 -28.27 -17.42
N VAL A 18 -4.14 -27.01 -17.44
CA VAL A 18 -2.98 -26.47 -18.08
C VAL A 18 -1.58 -26.76 -17.52
N ASN A 19 -1.48 -26.82 -16.21
CA ASN A 19 -0.23 -26.89 -15.49
C ASN A 19 -0.13 -27.95 -14.43
N HIS A 20 -1.06 -28.89 -14.45
CA HIS A 20 -1.17 -29.82 -13.36
C HIS A 20 -2.01 -30.96 -13.79
N GLU A 21 -1.87 -32.06 -13.10
CA GLU A 21 -2.78 -33.14 -13.24
C GLU A 21 -4.10 -32.65 -12.73
N GLY A 22 -5.17 -33.15 -13.30
CA GLY A 22 -6.49 -32.74 -12.89
C GLY A 22 -6.92 -33.22 -11.53
N LEU A 23 -7.79 -32.47 -10.91
CA LEU A 23 -8.27 -32.78 -9.59
C LEU A 23 -9.72 -33.18 -9.62
N SER A 24 -10.06 -34.20 -8.88
CA SER A 24 -11.42 -34.58 -8.70
C SER A 24 -11.99 -34.01 -7.44
N ASN A 25 -13.30 -34.06 -7.33
CA ASN A 25 -13.98 -33.67 -6.13
C ASN A 25 -13.56 -34.57 -4.99
N GLU A 26 -13.26 -35.80 -5.30
CA GLU A 26 -12.75 -36.71 -4.32
C GLU A 26 -11.40 -36.34 -3.77
N ASP A 27 -10.51 -35.86 -4.60
CA ASP A 27 -9.21 -35.35 -4.19
C ASP A 27 -9.40 -34.15 -3.31
N LEU A 28 -10.35 -33.32 -3.65
CA LEU A 28 -10.70 -32.16 -2.87
C LEU A 28 -11.44 -32.36 -1.57
N ARG A 29 -12.13 -33.46 -1.42
CA ARG A 29 -12.97 -33.66 -0.27
C ARG A 29 -12.17 -33.68 1.02
N GLY A 30 -12.72 -33.05 2.04
CA GLY A 30 -12.04 -32.81 3.28
C GLY A 30 -11.23 -31.54 3.34
N LYS A 31 -11.27 -30.76 2.28
CA LYS A 31 -10.56 -29.49 2.15
C LYS A 31 -11.53 -28.41 1.78
N VAL A 32 -11.24 -27.21 2.26
CA VAL A 32 -11.86 -26.02 1.75
C VAL A 32 -11.33 -25.71 0.37
N VAL A 33 -12.18 -25.35 -0.56
CA VAL A 33 -11.75 -25.08 -1.91
C VAL A 33 -11.94 -23.64 -2.27
N VAL A 34 -10.89 -23.05 -2.79
CA VAL A 34 -10.97 -21.70 -3.26
C VAL A 34 -10.81 -21.71 -4.75
N VAL A 35 -11.79 -21.26 -5.48
CA VAL A 35 -11.64 -21.19 -6.90
C VAL A 35 -11.60 -19.75 -7.35
N GLU A 36 -10.51 -19.38 -7.98
CA GLU A 36 -10.32 -18.07 -8.49
C GLU A 36 -10.64 -18.04 -9.97
N VAL A 37 -11.72 -17.40 -10.31
CA VAL A 37 -12.18 -17.31 -11.67
C VAL A 37 -11.65 -16.04 -12.32
N PHE A 38 -10.85 -16.17 -13.34
CA PHE A 38 -10.13 -15.04 -13.86
C PHE A 38 -10.01 -14.97 -15.37
N GLN A 39 -9.67 -13.80 -15.86
CA GLN A 39 -9.20 -13.61 -17.21
C GLN A 39 -7.79 -13.08 -17.11
N MSE A 40 -6.91 -13.55 -17.96
CA MSE A 40 -5.52 -13.13 -17.92
C MSE A 40 -5.29 -11.66 -18.19
O MSE A 40 -4.32 -11.12 -17.83
CB MSE A 40 -4.63 -14.01 -18.78
CG MSE A 40 -5.00 -14.13 -20.23
SE MSE A 40 -3.90 -15.21 -21.28
CE MSE A 40 -2.34 -14.26 -21.04
N LEU A 41 -6.22 -11.03 -18.89
CA LEU A 41 -6.10 -9.64 -19.25
C LEU A 41 -7.04 -8.69 -18.55
N CYS A 42 -7.60 -9.10 -17.44
CA CYS A 42 -8.49 -8.29 -16.66
C CYS A 42 -7.70 -7.69 -15.52
N PRO A 43 -7.80 -6.39 -15.37
CA PRO A 43 -7.01 -5.66 -14.39
C PRO A 43 -7.28 -6.09 -12.98
N GLY A 44 -8.54 -6.33 -12.68
CA GLY A 44 -8.95 -6.75 -11.39
C GLY A 44 -8.33 -8.07 -11.07
N CYS A 45 -8.32 -8.95 -12.03
CA CYS A 45 -7.64 -10.19 -11.83
C CYS A 45 -6.13 -10.08 -11.67
N VAL A 46 -5.48 -9.41 -12.59
CA VAL A 46 -4.05 -9.31 -12.59
C VAL A 46 -3.51 -8.55 -11.40
N ASN A 47 -4.11 -7.42 -11.11
CA ASN A 47 -3.80 -6.63 -9.94
C ASN A 47 -4.18 -7.20 -8.59
N HIS A 48 -5.34 -7.79 -8.47
CA HIS A 48 -5.80 -8.17 -7.16
C HIS A 48 -6.13 -9.63 -6.94
N GLY A 49 -7.08 -10.15 -7.68
CA GLY A 49 -7.50 -11.50 -7.49
C GLY A 49 -6.49 -12.60 -7.69
N VAL A 50 -5.73 -12.59 -8.76
CA VAL A 50 -4.74 -13.61 -8.91
C VAL A 50 -3.66 -13.59 -7.81
N PRO A 51 -3.11 -12.44 -7.49
CA PRO A 51 -2.10 -12.34 -6.45
C PRO A 51 -2.62 -12.74 -5.09
N GLN A 52 -3.88 -12.43 -4.79
CA GLN A 52 -4.54 -12.88 -3.59
C GLN A 52 -4.63 -14.42 -3.52
N ALA A 53 -4.94 -15.05 -4.63
CA ALA A 53 -4.94 -16.48 -4.74
C ALA A 53 -3.54 -17.07 -4.51
N GLN A 54 -2.49 -16.46 -5.04
CA GLN A 54 -1.13 -16.89 -4.81
C GLN A 54 -0.76 -16.78 -3.34
N LYS A 55 -1.20 -15.73 -2.69
CA LYS A 55 -0.96 -15.56 -1.31
C LYS A 55 -1.60 -16.65 -0.50
N ILE A 56 -2.81 -17.02 -0.84
CA ILE A 56 -3.45 -18.07 -0.14
C ILE A 56 -2.67 -19.36 -0.33
N HIS A 57 -2.27 -19.63 -1.54
CA HIS A 57 -1.55 -20.83 -1.86
C HIS A 57 -0.22 -20.94 -1.12
N ARG A 58 0.52 -19.86 -1.03
CA ARG A 58 1.74 -19.80 -0.27
C ARG A 58 1.56 -19.87 1.22
N MSE A 59 0.60 -19.16 1.76
CA MSE A 59 0.24 -19.21 3.15
C MSE A 59 -0.47 -20.41 3.78
O MSE A 59 -0.31 -20.63 4.92
CB MSE A 59 -0.42 -17.92 3.59
CG MSE A 59 0.45 -16.76 3.28
SE MSE A 59 -0.05 -15.26 4.13
CE MSE A 59 0.98 -15.53 5.67
N ILE A 60 -1.33 -21.08 3.05
CA ILE A 60 -2.08 -22.14 3.65
C ILE A 60 -1.75 -23.42 2.97
N ASP A 61 -1.52 -24.43 3.77
CA ASP A 61 -1.18 -25.72 3.27
C ASP A 61 -2.31 -26.41 2.51
N GLU A 62 -1.96 -27.21 1.54
CA GLU A 62 -2.94 -27.92 0.75
C GLU A 62 -3.64 -29.04 1.44
N SER A 63 -3.18 -29.38 2.61
CA SER A 63 -3.89 -30.28 3.49
C SER A 63 -5.18 -29.67 4.09
N GLN A 64 -5.27 -28.35 4.04
CA GLN A 64 -6.39 -27.59 4.53
C GLN A 64 -7.17 -26.85 3.46
N VAL A 65 -6.47 -26.09 2.65
CA VAL A 65 -7.08 -25.34 1.58
C VAL A 65 -6.47 -25.65 0.20
N GLN A 66 -7.31 -25.95 -0.77
CA GLN A 66 -6.88 -26.04 -2.15
C GLN A 66 -7.28 -24.83 -2.97
N VAL A 67 -6.32 -24.21 -3.61
CA VAL A 67 -6.57 -23.12 -4.53
C VAL A 67 -6.56 -23.66 -5.93
N ILE A 68 -7.57 -23.30 -6.68
CA ILE A 68 -7.71 -23.61 -8.07
C ILE A 68 -7.97 -22.38 -8.89
N GLY A 69 -7.25 -22.30 -9.99
CA GLY A 69 -7.43 -21.24 -10.93
C GLY A 69 -8.35 -21.67 -12.05
N LEU A 70 -9.33 -20.86 -12.38
CA LEU A 70 -10.16 -21.17 -13.51
C LEU A 70 -10.17 -20.04 -14.47
N HIS A 71 -9.68 -20.29 -15.66
CA HIS A 71 -9.61 -19.27 -16.65
C HIS A 71 -10.91 -19.36 -17.43
N SER A 72 -11.80 -18.42 -17.20
CA SER A 72 -13.03 -18.31 -17.94
C SER A 72 -13.03 -17.11 -18.82
N VAL A 73 -12.73 -17.32 -20.07
CA VAL A 73 -12.62 -16.25 -21.01
C VAL A 73 -13.95 -16.07 -21.69
N PHE A 74 -14.51 -14.90 -21.58
CA PHE A 74 -15.77 -14.59 -22.19
C PHE A 74 -15.72 -13.45 -23.21
N GLU A 75 -14.55 -12.89 -23.42
CA GLU A 75 -14.38 -11.90 -24.44
C GLU A 75 -12.98 -12.09 -25.02
N HIS A 76 -12.78 -11.70 -26.27
CA HIS A 76 -11.45 -11.68 -26.86
C HIS A 76 -10.75 -12.99 -26.82
N HIS A 77 -11.47 -14.03 -27.14
CA HIS A 77 -11.03 -15.37 -27.02
C HIS A 77 -9.77 -15.67 -27.82
N ASP A 78 -9.64 -15.10 -29.00
CA ASP A 78 -8.53 -15.37 -29.88
C ASP A 78 -7.20 -14.93 -29.32
N VAL A 79 -7.26 -13.93 -28.48
CA VAL A 79 -6.15 -13.45 -27.75
C VAL A 79 -5.85 -14.14 -26.40
N MSE A 80 -6.81 -14.81 -25.81
CA MSE A 80 -6.65 -15.37 -24.49
C MSE A 80 -6.72 -16.88 -24.56
O MSE A 80 -7.41 -17.50 -23.81
CB MSE A 80 -7.65 -14.81 -23.49
CG MSE A 80 -7.40 -13.39 -23.02
SE MSE A 80 -8.44 -12.77 -21.52
CE MSE A 80 -9.47 -11.45 -22.22
N THR A 81 -5.96 -17.45 -25.46
CA THR A 81 -5.95 -18.87 -25.63
C THR A 81 -5.23 -19.58 -24.51
N PRO A 82 -5.36 -20.89 -24.49
CA PRO A 82 -4.66 -21.71 -23.53
C PRO A 82 -3.16 -21.58 -23.65
N GLU A 83 -2.63 -21.40 -24.85
CA GLU A 83 -1.20 -21.15 -25.01
C GLU A 83 -0.73 -19.85 -24.39
N ALA A 84 -1.51 -18.81 -24.58
CA ALA A 84 -1.28 -17.52 -23.95
C ALA A 84 -1.38 -17.61 -22.44
N LEU A 85 -2.30 -18.41 -21.96
CA LEU A 85 -2.44 -18.66 -20.55
C LEU A 85 -1.22 -19.31 -19.95
N LYS A 86 -0.62 -20.22 -20.69
CA LYS A 86 0.55 -20.89 -20.20
C LYS A 86 1.68 -19.93 -19.98
N VAL A 87 1.81 -18.97 -20.86
CA VAL A 87 2.76 -17.89 -20.72
C VAL A 87 2.45 -16.96 -19.57
N PHE A 88 1.19 -16.65 -19.36
CA PHE A 88 0.79 -15.83 -18.25
C PHE A 88 1.16 -16.50 -16.97
N ILE A 89 0.93 -17.79 -16.87
CA ILE A 89 1.21 -18.51 -15.67
C ILE A 89 2.70 -18.49 -15.30
N ASP A 90 3.55 -18.66 -16.28
CA ASP A 90 4.98 -18.61 -16.12
C ASP A 90 5.52 -17.25 -15.72
N GLU A 91 5.08 -16.22 -16.41
CA GLU A 91 5.44 -14.86 -16.13
C GLU A 91 5.03 -14.40 -14.75
N PHE A 92 3.87 -14.79 -14.30
CA PHE A 92 3.39 -14.38 -13.02
C PHE A 92 3.72 -15.33 -11.90
N GLY A 93 4.40 -16.40 -12.19
CA GLY A 93 4.72 -17.40 -11.20
C GLY A 93 3.60 -18.11 -10.50
N ILE A 94 2.52 -18.37 -11.19
CA ILE A 94 1.40 -19.04 -10.55
C ILE A 94 1.71 -20.51 -10.40
N LYS A 95 1.68 -20.99 -9.18
CA LYS A 95 2.01 -22.36 -8.94
C LYS A 95 0.84 -23.27 -8.58
N PHE A 96 -0.33 -22.72 -8.39
CA PHE A 96 -1.51 -23.49 -8.13
C PHE A 96 -2.10 -24.05 -9.39
N PRO A 97 -2.91 -25.07 -9.30
CA PRO A 97 -3.47 -25.65 -10.50
C PRO A 97 -4.47 -24.74 -11.22
N VAL A 98 -4.34 -24.66 -12.52
CA VAL A 98 -5.15 -23.81 -13.32
C VAL A 98 -5.91 -24.62 -14.33
N ALA A 99 -7.20 -24.40 -14.39
CA ALA A 99 -8.03 -25.04 -15.36
C ALA A 99 -8.65 -24.02 -16.28
N VAL A 100 -8.95 -24.48 -17.46
CA VAL A 100 -9.59 -23.72 -18.47
C VAL A 100 -11.07 -24.14 -18.49
N ASP A 101 -11.95 -23.19 -18.30
CA ASP A 101 -13.39 -23.38 -18.30
C ASP A 101 -13.85 -23.87 -19.66
N MSE A 102 -14.66 -24.89 -19.71
CA MSE A 102 -15.09 -25.46 -20.95
C MSE A 102 -15.93 -24.50 -21.74
O MSE A 102 -16.88 -23.95 -21.26
CB MSE A 102 -15.91 -26.70 -20.69
CG MSE A 102 -16.51 -27.31 -21.95
SE MSE A 102 -15.21 -28.22 -22.94
CE MSE A 102 -15.19 -29.68 -21.85
N PRO A 103 -15.53 -24.29 -22.95
CA PRO A 103 -16.25 -23.43 -23.85
C PRO A 103 -17.54 -24.07 -24.33
N ARG A 104 -18.52 -23.26 -24.60
CA ARG A 104 -19.78 -23.69 -25.16
C ARG A 104 -19.87 -23.25 -26.60
N GLU A 105 -20.17 -24.16 -27.49
CA GLU A 105 -20.15 -23.86 -28.90
C GLU A 105 -21.13 -22.80 -29.29
N GLY A 106 -20.63 -21.79 -29.97
CA GLY A 106 -21.43 -20.71 -30.44
C GLY A 106 -21.62 -19.58 -29.49
N GLN A 107 -21.16 -19.73 -28.26
CA GLN A 107 -21.38 -18.72 -27.24
C GLN A 107 -20.10 -18.24 -26.62
N ARG A 108 -20.03 -16.95 -26.35
CA ARG A 108 -18.92 -16.37 -25.64
C ARG A 108 -18.71 -16.80 -24.17
N ILE A 109 -19.79 -17.03 -23.44
CA ILE A 109 -19.69 -17.38 -22.05
C ILE A 109 -19.46 -18.85 -21.92
N PRO A 110 -18.42 -19.23 -21.22
CA PRO A 110 -18.09 -20.61 -20.92
C PRO A 110 -18.94 -21.26 -19.84
N SER A 111 -18.84 -22.56 -19.80
CA SER A 111 -19.75 -23.42 -19.14
C SER A 111 -19.90 -23.30 -17.64
N THR A 112 -18.80 -23.31 -16.92
CA THR A 112 -18.81 -23.14 -15.49
C THR A 112 -19.33 -21.77 -15.14
N MSE A 113 -18.90 -20.78 -15.89
CA MSE A 113 -19.33 -19.42 -15.68
C MSE A 113 -20.84 -19.24 -15.86
O MSE A 113 -21.45 -18.56 -15.10
CB MSE A 113 -18.53 -18.49 -16.58
CG MSE A 113 -18.96 -17.03 -16.61
SE MSE A 113 -17.68 -15.79 -17.33
CE MSE A 113 -18.78 -14.43 -17.56
N LYS A 114 -21.39 -19.84 -16.89
CA LYS A 114 -22.82 -19.88 -17.13
C LYS A 114 -23.58 -20.59 -16.05
N LYS A 115 -23.08 -21.75 -15.69
CA LYS A 115 -23.72 -22.61 -14.75
C LYS A 115 -23.90 -21.92 -13.40
N TYR A 116 -22.91 -21.19 -12.95
CA TYR A 116 -23.01 -20.55 -11.67
C TYR A 116 -23.41 -19.11 -11.79
N ARG A 117 -23.67 -18.73 -13.02
CA ARG A 117 -24.07 -17.38 -13.32
C ARG A 117 -23.19 -16.27 -12.76
N LEU A 118 -21.89 -16.41 -12.98
CA LEU A 118 -20.97 -15.38 -12.59
C LEU A 118 -21.18 -14.11 -13.35
N GLU A 119 -21.06 -13.01 -12.64
CA GLU A 119 -21.15 -11.70 -13.18
C GLU A 119 -20.00 -11.31 -14.07
N GLY A 120 -18.87 -11.97 -13.94
CA GLY A 120 -17.69 -11.61 -14.67
C GLY A 120 -16.45 -12.02 -13.90
N THR A 121 -15.33 -11.41 -14.20
CA THR A 121 -14.11 -11.71 -13.53
C THR A 121 -13.60 -10.42 -12.91
N PRO A 122 -12.89 -10.51 -11.80
CA PRO A 122 -12.68 -11.73 -11.05
C PRO A 122 -13.85 -12.18 -10.23
N SER A 123 -13.92 -13.47 -10.00
CA SER A 123 -14.84 -14.04 -9.07
C SER A 123 -14.17 -15.06 -8.20
N ILE A 124 -14.69 -15.24 -7.00
CA ILE A 124 -14.29 -16.32 -6.15
C ILE A 124 -15.42 -17.25 -5.84
N ILE A 125 -15.14 -18.51 -5.85
CA ILE A 125 -16.05 -19.48 -5.38
C ILE A 125 -15.37 -20.19 -4.23
N LEU A 126 -16.03 -20.23 -3.09
CA LEU A 126 -15.59 -21.05 -1.98
C LEU A 126 -16.49 -22.22 -1.74
N ALA A 127 -15.90 -23.37 -1.62
CA ALA A 127 -16.59 -24.57 -1.25
C ALA A 127 -16.04 -25.13 0.04
N ASP A 128 -16.90 -25.80 0.78
CA ASP A 128 -16.54 -26.40 2.05
C ASP A 128 -15.91 -27.78 1.94
N ARG A 129 -15.63 -28.37 3.08
CA ARG A 129 -15.01 -29.69 3.20
C ARG A 129 -15.84 -30.85 2.62
N LYS A 130 -17.13 -30.67 2.48
CA LYS A 130 -17.94 -31.65 1.77
C LYS A 130 -18.16 -31.32 0.31
N GLY A 131 -17.48 -30.32 -0.18
CA GLY A 131 -17.56 -29.94 -1.56
C GLY A 131 -18.74 -29.10 -1.97
N ARG A 132 -19.36 -28.44 -1.04
CA ARG A 132 -20.49 -27.68 -1.45
C ARG A 132 -20.24 -26.19 -1.46
N ILE A 133 -20.77 -25.49 -2.44
CA ILE A 133 -20.51 -24.09 -2.62
C ILE A 133 -21.16 -23.27 -1.53
N ARG A 134 -20.36 -22.45 -0.90
CA ARG A 134 -20.83 -21.66 0.20
C ARG A 134 -20.81 -20.17 -0.01
N GLN A 135 -19.94 -19.70 -0.87
CA GLN A 135 -19.89 -18.31 -1.25
C GLN A 135 -19.50 -18.12 -2.68
N VAL A 136 -20.12 -17.18 -3.35
CA VAL A 136 -19.69 -16.72 -4.63
C VAL A 136 -19.63 -15.22 -4.58
N GLN A 137 -18.47 -14.65 -4.84
CA GLN A 137 -18.26 -13.23 -4.76
C GLN A 137 -17.60 -12.64 -5.99
N PHE A 138 -18.20 -11.63 -6.57
CA PHE A 138 -17.63 -10.85 -7.66
C PHE A 138 -16.76 -9.68 -7.20
N GLY A 139 -15.70 -9.34 -7.90
CA GLY A 139 -14.92 -8.17 -7.58
C GLY A 139 -13.79 -8.26 -6.58
N GLN A 140 -13.32 -7.13 -6.09
CA GLN A 140 -12.25 -7.09 -5.13
C GLN A 140 -12.75 -7.57 -3.78
N VAL A 141 -12.03 -8.49 -3.16
CA VAL A 141 -12.35 -8.89 -1.81
C VAL A 141 -11.19 -8.57 -0.94
N ASP A 142 -11.44 -7.90 0.16
CA ASP A 142 -10.41 -7.52 1.08
C ASP A 142 -9.76 -8.73 1.74
N ASP A 143 -8.48 -8.65 2.02
CA ASP A 143 -7.75 -9.77 2.58
C ASP A 143 -8.29 -10.25 3.92
N PHE A 144 -8.60 -9.34 4.81
CA PHE A 144 -9.16 -9.66 6.10
C PHE A 144 -10.51 -10.39 6.02
N VAL A 145 -11.40 -9.91 5.17
CA VAL A 145 -12.68 -10.55 4.96
C VAL A 145 -12.55 -11.97 4.41
N LEU A 146 -11.65 -12.15 3.47
CA LEU A 146 -11.35 -13.44 2.92
C LEU A 146 -10.80 -14.39 3.97
N GLY A 147 -9.94 -13.89 4.85
CA GLY A 147 -9.47 -14.68 5.93
C GLY A 147 -10.61 -15.10 6.81
N LEU A 148 -11.50 -14.19 7.12
CA LEU A 148 -12.61 -14.51 7.97
C LEU A 148 -13.44 -15.60 7.33
N LEU A 149 -13.71 -15.49 6.04
CA LEU A 149 -14.49 -16.48 5.37
C LEU A 149 -13.85 -17.83 5.33
N LEU A 150 -12.59 -17.92 4.96
CA LEU A 150 -11.88 -19.18 4.99
C LEU A 150 -11.76 -19.77 6.38
N GLY A 151 -11.43 -18.94 7.34
CA GLY A 151 -11.20 -19.39 8.67
C GLY A 151 -12.45 -20.02 9.18
N SER A 152 -13.57 -19.43 8.85
CA SER A 152 -14.83 -19.94 9.25
C SER A 152 -15.19 -21.31 8.64
N LEU A 153 -14.91 -21.51 7.37
CA LEU A 153 -15.13 -22.81 6.73
C LEU A 153 -14.24 -23.88 7.27
N LEU A 154 -13.02 -23.52 7.57
CA LEU A 154 -12.03 -24.43 8.07
C LEU A 154 -12.40 -25.04 9.37
N SER A 155 -13.08 -24.32 10.23
CA SER A 155 -13.34 -24.81 11.55
C SER A 155 -14.73 -25.33 11.74
N GLU A 156 -15.53 -25.36 10.70
CA GLU A 156 -16.87 -25.85 10.82
C GLU A 156 -16.81 -27.29 11.14
N THR A 157 -17.62 -27.69 12.12
CA THR A 157 -17.70 -29.07 12.56
C THR A 157 -16.76 -29.99 11.78
N LEU B 4 25.74 17.16 -21.64
CA LEU B 4 24.48 17.33 -22.30
C LEU B 4 24.67 17.58 -23.79
N ASP B 5 25.90 17.88 -24.17
CA ASP B 5 26.30 18.08 -25.56
C ASP B 5 26.14 16.82 -26.38
N ASN B 6 26.36 15.70 -25.74
CA ASN B 6 26.17 14.46 -26.41
C ASN B 6 24.97 13.63 -26.04
N ALA B 7 24.10 14.14 -25.19
CA ALA B 7 22.94 13.34 -24.86
C ALA B 7 22.19 13.11 -26.14
N PRO B 8 21.85 11.88 -26.46
CA PRO B 8 21.17 11.61 -27.71
C PRO B 8 19.79 12.13 -27.79
N LEU B 9 19.37 12.48 -28.97
CA LEU B 9 18.00 12.85 -29.15
C LEU B 9 17.09 11.63 -29.21
N LEU B 10 15.89 11.74 -28.64
CA LEU B 10 14.98 10.62 -28.62
C LEU B 10 14.39 10.37 -29.99
N GLU B 11 14.61 9.16 -30.47
CA GLU B 11 13.99 8.74 -31.67
C GLU B 11 13.53 7.36 -31.45
N LEU B 12 12.27 7.08 -31.73
CA LEU B 12 11.71 5.77 -31.49
C LEU B 12 11.51 5.09 -32.82
N ASP B 13 11.85 3.83 -32.94
CA ASP B 13 11.52 3.09 -34.14
C ASP B 13 10.37 2.15 -33.90
N VAL B 14 9.30 2.43 -34.60
CA VAL B 14 8.00 1.94 -34.31
C VAL B 14 7.33 1.30 -35.52
N GLN B 15 6.84 0.09 -35.38
CA GLN B 15 6.01 -0.55 -36.38
C GLN B 15 4.65 0.10 -36.66
N GLU B 16 3.88 0.38 -35.62
CA GLU B 16 2.58 0.99 -35.69
C GLU B 16 2.12 1.63 -34.38
N TRP B 17 1.26 2.62 -34.49
CA TRP B 17 0.60 3.18 -33.35
C TRP B 17 -0.77 2.60 -33.24
N VAL B 18 -0.95 1.89 -32.16
CA VAL B 18 -2.10 1.10 -31.90
C VAL B 18 -3.45 1.74 -31.55
N ASN B 19 -3.43 2.76 -30.72
CA ASN B 19 -4.63 3.37 -30.22
C ASN B 19 -4.71 4.85 -30.47
N HIS B 20 -3.85 5.33 -31.33
CA HIS B 20 -3.74 6.73 -31.51
C HIS B 20 -3.20 6.97 -32.88
N GLU B 21 -3.46 8.15 -33.38
CA GLU B 21 -2.72 8.63 -34.48
C GLU B 21 -1.33 8.70 -33.90
N GLY B 22 -0.33 8.49 -34.73
CA GLY B 22 1.03 8.64 -34.27
C GLY B 22 1.43 10.05 -33.96
N LEU B 23 2.25 10.21 -32.93
CA LEU B 23 2.91 11.44 -32.64
C LEU B 23 4.08 11.60 -33.55
N SER B 24 4.54 12.82 -33.67
CA SER B 24 5.71 13.12 -34.42
C SER B 24 6.62 13.80 -33.46
N ASN B 25 7.88 13.89 -33.83
CA ASN B 25 8.88 14.50 -33.01
C ASN B 25 8.63 15.97 -32.78
N GLU B 26 8.06 16.64 -33.78
CA GLU B 26 7.73 18.03 -33.67
C GLU B 26 6.68 18.21 -32.61
N ASP B 27 5.73 17.30 -32.56
CA ASP B 27 4.63 17.32 -31.63
C ASP B 27 5.18 17.31 -30.24
N LEU B 28 6.25 16.55 -30.04
CA LEU B 28 6.94 16.42 -28.78
C LEU B 28 7.73 17.58 -28.23
N ARG B 29 8.35 18.35 -29.08
CA ARG B 29 9.27 19.37 -28.63
C ARG B 29 8.54 20.49 -27.90
N GLY B 30 9.16 20.99 -26.87
CA GLY B 30 8.54 21.87 -25.93
C GLY B 30 7.82 21.15 -24.82
N LYS B 31 7.82 19.83 -24.83
CA LYS B 31 7.21 19.02 -23.82
C LYS B 31 8.21 18.08 -23.22
N VAL B 32 8.08 17.75 -21.96
CA VAL B 32 8.85 16.68 -21.38
C VAL B 32 8.21 15.36 -21.79
N VAL B 33 9.02 14.39 -22.15
CA VAL B 33 8.54 13.12 -22.64
C VAL B 33 8.84 11.99 -21.70
N VAL B 34 7.81 11.25 -21.41
CA VAL B 34 7.97 10.06 -20.66
C VAL B 34 7.65 8.92 -21.58
N VAL B 35 8.60 8.03 -21.80
CA VAL B 35 8.35 6.83 -22.57
C VAL B 35 8.35 5.64 -21.65
N GLU B 36 7.24 4.94 -21.62
CA GLU B 36 7.09 3.78 -20.79
C GLU B 36 7.26 2.56 -21.65
N VAL B 37 8.29 1.81 -21.35
CA VAL B 37 8.64 0.63 -22.13
C VAL B 37 8.21 -0.62 -21.38
N PHE B 38 7.30 -1.36 -21.97
CA PHE B 38 6.64 -2.44 -21.28
C PHE B 38 6.42 -3.63 -22.15
N GLN B 39 6.17 -4.75 -21.52
CA GLN B 39 5.57 -5.90 -22.15
C GLN B 39 4.25 -6.16 -21.44
N MSE B 40 3.24 -6.52 -22.20
CA MSE B 40 1.92 -6.70 -21.66
C MSE B 40 1.76 -7.81 -20.66
O MSE B 40 0.89 -7.78 -19.89
CB MSE B 40 0.86 -6.78 -22.75
CG MSE B 40 0.98 -7.91 -23.73
SE MSE B 40 -0.30 -7.93 -25.07
CE MSE B 40 -1.46 -8.98 -24.25
N LEU B 41 2.62 -8.80 -20.68
CA LEU B 41 2.53 -9.87 -19.74
C LEU B 41 3.65 -9.83 -18.70
N CYS B 42 4.29 -8.71 -18.50
CA CYS B 42 5.32 -8.65 -17.52
C CYS B 42 4.76 -8.03 -16.26
N PRO B 43 4.85 -8.73 -15.15
CA PRO B 43 4.16 -8.39 -13.91
C PRO B 43 4.56 -7.05 -13.35
N GLY B 44 5.82 -6.73 -13.42
CA GLY B 44 6.28 -5.46 -12.99
C GLY B 44 5.69 -4.35 -13.83
N CYS B 45 5.57 -4.54 -15.13
CA CYS B 45 4.92 -3.54 -15.94
C CYS B 45 3.43 -3.37 -15.62
N VAL B 46 2.71 -4.45 -15.55
CA VAL B 46 1.31 -4.43 -15.32
C VAL B 46 0.89 -3.92 -13.93
N ASN B 47 1.56 -4.40 -12.91
CA ASN B 47 1.41 -3.96 -11.53
C ASN B 47 1.90 -2.58 -11.14
N HIS B 48 2.94 -2.13 -11.78
CA HIS B 48 3.60 -0.95 -11.38
C HIS B 48 3.84 0.08 -12.46
N GLY B 49 4.58 -0.25 -13.49
CA GLY B 49 4.93 0.69 -14.51
C GLY B 49 3.86 1.32 -15.37
N VAL B 50 2.95 0.55 -15.89
CA VAL B 50 1.81 1.08 -16.61
C VAL B 50 0.86 1.95 -15.77
N PRO B 51 0.50 1.53 -14.57
CA PRO B 51 -0.34 2.33 -13.69
C PRO B 51 0.32 3.65 -13.29
N GLN B 52 1.63 3.66 -13.10
CA GLN B 52 2.38 4.89 -12.94
C GLN B 52 2.33 5.80 -14.16
N ALA B 53 2.44 5.26 -15.35
CA ALA B 53 2.32 6.09 -16.53
C ALA B 53 0.90 6.67 -16.68
N GLN B 54 -0.10 5.88 -16.34
CA GLN B 54 -1.49 6.29 -16.38
C GLN B 54 -1.73 7.43 -15.41
N LYS B 55 -1.15 7.33 -14.24
CA LYS B 55 -1.24 8.37 -13.26
C LYS B 55 -0.63 9.67 -13.75
N ILE B 56 0.50 9.61 -14.40
CA ILE B 56 1.11 10.77 -14.95
C ILE B 56 0.24 11.41 -16.00
N HIS B 57 -0.32 10.61 -16.87
CA HIS B 57 -1.14 11.06 -17.95
C HIS B 57 -2.38 11.77 -17.42
N ARG B 58 -2.97 11.25 -16.38
CA ARG B 58 -4.07 11.89 -15.72
C ARG B 58 -3.75 13.20 -15.01
N MSE B 59 -2.69 13.24 -14.25
CA MSE B 59 -2.22 14.43 -13.55
C MSE B 59 -1.59 15.61 -14.25
O MSE B 59 -1.68 16.71 -13.78
CB MSE B 59 -1.43 14.06 -12.32
CG MSE B 59 -2.27 13.25 -11.38
SE MSE B 59 -1.45 12.83 -9.71
CE MSE B 59 -1.65 14.59 -9.03
N ILE B 60 -0.87 15.39 -15.31
CA ILE B 60 -0.13 16.43 -15.90
C ILE B 60 -0.63 16.57 -17.29
N ASP B 61 -0.95 17.79 -17.65
CA ASP B 61 -1.50 18.07 -18.92
C ASP B 61 -0.50 17.77 -20.04
N GLU B 62 -1.02 17.38 -21.18
CA GLU B 62 -0.24 17.02 -22.36
C GLU B 62 0.52 18.18 -22.98
N SER B 63 0.15 19.40 -22.63
CA SER B 63 0.91 20.57 -22.95
C SER B 63 2.24 20.65 -22.24
N GLN B 64 2.41 19.90 -21.17
CA GLN B 64 3.63 19.88 -20.42
C GLN B 64 4.41 18.58 -20.54
N VAL B 65 3.73 17.48 -20.36
CA VAL B 65 4.32 16.18 -20.41
C VAL B 65 3.51 15.32 -21.34
N GLN B 66 4.18 14.62 -22.24
CA GLN B 66 3.57 13.60 -23.06
C GLN B 66 3.95 12.17 -22.63
N VAL B 67 2.98 11.36 -22.36
CA VAL B 67 3.29 9.99 -22.02
C VAL B 67 3.17 9.17 -23.26
N ILE B 68 4.14 8.35 -23.50
CA ILE B 68 4.09 7.39 -24.56
C ILE B 68 4.33 6.00 -24.06
N GLY B 69 3.45 5.09 -24.41
CA GLY B 69 3.72 3.69 -24.27
C GLY B 69 4.54 3.09 -25.39
N LEU B 70 5.49 2.26 -25.07
CA LEU B 70 6.21 1.50 -26.07
C LEU B 70 6.21 0.02 -25.75
N HIS B 71 5.49 -0.76 -26.52
CA HIS B 71 5.47 -2.17 -26.30
C HIS B 71 6.65 -2.82 -27.01
N SER B 72 7.64 -3.25 -26.26
CA SER B 72 8.77 -3.90 -26.86
C SER B 72 8.73 -5.34 -26.46
N VAL B 73 8.24 -6.20 -27.31
CA VAL B 73 8.19 -7.60 -26.99
C VAL B 73 9.51 -8.25 -27.29
N PHE B 74 10.14 -8.81 -26.27
CA PHE B 74 11.35 -9.57 -26.43
C PHE B 74 11.26 -11.06 -26.12
N GLU B 75 10.11 -11.52 -25.70
CA GLU B 75 9.85 -12.92 -25.45
C GLU B 75 8.39 -13.27 -25.76
N HIS B 76 8.10 -14.51 -26.07
CA HIS B 76 6.76 -14.96 -26.34
C HIS B 76 6.03 -14.17 -27.38
N HIS B 77 6.67 -13.94 -28.51
CA HIS B 77 6.21 -13.00 -29.48
C HIS B 77 4.86 -13.33 -30.04
N ASP B 78 4.61 -14.59 -30.25
CA ASP B 78 3.38 -15.06 -30.81
C ASP B 78 2.19 -14.75 -29.94
N VAL B 79 2.36 -14.84 -28.65
CA VAL B 79 1.38 -14.36 -27.68
C VAL B 79 1.19 -12.83 -27.50
N MSE B 80 2.24 -12.03 -27.47
CA MSE B 80 2.11 -10.61 -27.26
C MSE B 80 2.02 -9.79 -28.56
O MSE B 80 2.72 -8.85 -28.75
CB MSE B 80 3.22 -10.09 -26.34
CG MSE B 80 3.40 -10.85 -25.07
SE MSE B 80 4.28 -9.95 -23.72
CE MSE B 80 5.52 -11.22 -23.33
N THR B 81 1.11 -10.17 -29.41
CA THR B 81 0.89 -9.56 -30.67
C THR B 81 0.22 -8.21 -30.53
N PRO B 82 0.22 -7.48 -31.60
CA PRO B 82 -0.41 -6.18 -31.68
C PRO B 82 -1.90 -6.28 -31.46
N GLU B 83 -2.53 -7.33 -31.92
CA GLU B 83 -3.91 -7.55 -31.57
C GLU B 83 -4.13 -7.78 -30.10
N ALA B 84 -3.29 -8.55 -29.44
CA ALA B 84 -3.42 -8.75 -28.01
C ALA B 84 -3.22 -7.45 -27.24
N LEU B 85 -2.28 -6.64 -27.69
CA LEU B 85 -2.01 -5.34 -27.11
C LEU B 85 -3.18 -4.38 -27.19
N LYS B 86 -3.93 -4.40 -28.27
CA LYS B 86 -5.08 -3.54 -28.40
C LYS B 86 -6.11 -3.86 -27.33
N VAL B 87 -6.32 -5.14 -27.11
CA VAL B 87 -7.18 -5.65 -26.07
C VAL B 87 -6.66 -5.32 -24.67
N PHE B 88 -5.36 -5.35 -24.49
CA PHE B 88 -4.77 -4.99 -23.23
C PHE B 88 -5.05 -3.55 -22.90
N ILE B 89 -4.90 -2.70 -23.88
CA ILE B 89 -5.12 -1.31 -23.74
C ILE B 89 -6.57 -1.00 -23.37
N ASP B 90 -7.53 -1.65 -23.99
CA ASP B 90 -8.93 -1.51 -23.68
C ASP B 90 -9.28 -2.03 -22.29
N GLU B 91 -8.80 -3.18 -21.94
CA GLU B 91 -9.03 -3.78 -20.66
C GLU B 91 -8.49 -2.93 -19.53
N PHE B 92 -7.31 -2.39 -19.69
CA PHE B 92 -6.65 -1.59 -18.69
C PHE B 92 -6.95 -0.10 -18.76
N GLY B 93 -7.79 0.27 -19.70
CA GLY B 93 -8.14 1.65 -19.92
C GLY B 93 -7.01 2.60 -20.16
N ILE B 94 -6.03 2.24 -20.96
CA ILE B 94 -4.89 3.10 -21.19
C ILE B 94 -5.31 4.18 -22.16
N LYS B 95 -5.19 5.42 -21.78
CA LYS B 95 -5.59 6.46 -22.68
C LYS B 95 -4.45 7.09 -23.47
N PHE B 96 -3.23 6.96 -23.05
CA PHE B 96 -2.14 7.57 -23.75
C PHE B 96 -1.69 6.79 -24.99
N PRO B 97 -1.05 7.46 -25.92
CA PRO B 97 -0.64 6.82 -27.16
C PRO B 97 0.40 5.72 -26.98
N VAL B 98 0.13 4.61 -27.59
CA VAL B 98 0.93 3.43 -27.50
C VAL B 98 1.48 3.01 -28.86
N ALA B 99 2.76 2.77 -28.91
CA ALA B 99 3.43 2.30 -30.10
C ALA B 99 3.98 0.91 -29.95
N VAL B 100 4.08 0.20 -31.04
CA VAL B 100 4.73 -1.08 -31.05
C VAL B 100 6.17 -0.94 -31.56
N ASP B 101 7.14 -1.38 -30.76
CA ASP B 101 8.56 -1.31 -31.14
C ASP B 101 8.81 -2.12 -32.40
N MSE B 102 9.51 -1.54 -33.35
CA MSE B 102 9.77 -2.19 -34.60
C MSE B 102 10.58 -3.43 -34.35
O MSE B 102 11.62 -3.40 -33.79
CB MSE B 102 10.57 -1.30 -35.52
CG MSE B 102 10.87 -1.88 -36.87
SE MSE B 102 9.35 -2.17 -37.95
CE MSE B 102 9.09 -0.42 -38.51
N PRO B 103 10.02 -4.53 -34.75
CA PRO B 103 10.67 -5.82 -34.70
C PRO B 103 11.78 -5.91 -35.73
N ARG B 104 12.77 -6.72 -35.43
CA ARG B 104 13.91 -6.93 -36.30
C ARG B 104 13.92 -8.37 -36.74
N GLU B 105 14.09 -8.61 -38.02
CA GLU B 105 14.01 -9.98 -38.53
C GLU B 105 15.03 -10.91 -37.88
N GLY B 106 14.55 -12.02 -37.40
CA GLY B 106 15.36 -13.06 -36.84
C GLY B 106 15.82 -12.87 -35.41
N GLN B 107 15.48 -11.73 -34.83
CA GLN B 107 15.92 -11.37 -33.52
C GLN B 107 14.78 -11.19 -32.51
N ARG B 108 14.98 -11.69 -31.32
CA ARG B 108 14.07 -11.49 -30.23
C ARG B 108 13.95 -10.03 -29.74
N ILE B 109 15.06 -9.31 -29.69
CA ILE B 109 15.05 -7.92 -29.28
C ILE B 109 14.70 -6.96 -30.39
N PRO B 110 13.70 -6.13 -30.15
CA PRO B 110 13.26 -5.09 -31.08
C PRO B 110 14.17 -3.88 -31.05
N SER B 111 14.09 -3.00 -32.03
CA SER B 111 14.79 -2.02 -32.50
CA SER B 111 14.76 -1.98 -32.52
C SER B 111 15.05 -0.96 -31.57
N THR B 112 14.06 -0.36 -30.96
CA THR B 112 14.28 0.63 -29.93
C THR B 112 14.94 0.10 -28.67
N MSE B 113 14.54 -1.07 -28.22
CA MSE B 113 15.13 -1.68 -27.07
C MSE B 113 16.60 -1.92 -27.33
O MSE B 113 17.42 -1.68 -26.47
CB MSE B 113 14.42 -2.99 -26.80
CG MSE B 113 14.98 -3.78 -25.70
SE MSE B 113 13.81 -5.13 -25.10
CE MSE B 113 12.62 -4.01 -24.30
N LYS B 114 16.94 -2.36 -28.52
CA LYS B 114 18.31 -2.54 -28.92
C LYS B 114 19.10 -1.28 -28.96
N LYS B 115 18.56 -0.28 -29.58
CA LYS B 115 19.22 0.95 -29.80
C LYS B 115 19.62 1.64 -28.51
N TYR B 116 18.77 1.62 -27.51
CA TYR B 116 19.04 2.33 -26.30
C TYR B 116 19.56 1.41 -25.20
N ARG B 117 19.91 0.21 -25.59
CA ARG B 117 20.47 -0.80 -24.73
C ARG B 117 19.70 -1.19 -23.50
N LEU B 118 18.39 -1.29 -23.59
CA LEU B 118 17.63 -1.56 -22.40
C LEU B 118 17.86 -2.94 -21.80
N GLU B 119 17.96 -2.98 -20.49
CA GLU B 119 18.03 -4.20 -19.77
C GLU B 119 16.77 -5.02 -19.92
N GLY B 120 15.62 -4.38 -19.96
CA GLY B 120 14.37 -5.11 -19.92
C GLY B 120 13.17 -4.25 -19.67
N THR B 121 12.09 -4.88 -19.29
CA THR B 121 10.89 -4.21 -18.94
C THR B 121 10.52 -4.50 -17.50
N PRO B 122 10.00 -3.50 -16.83
CA PRO B 122 9.79 -2.18 -17.40
C PRO B 122 11.00 -1.28 -17.45
N SER B 123 11.01 -0.36 -18.38
CA SER B 123 11.94 0.73 -18.39
C SER B 123 11.21 2.03 -18.70
N ILE B 124 11.76 3.15 -18.28
CA ILE B 124 11.39 4.37 -18.47
CA ILE B 124 11.37 4.34 -18.53
C ILE B 124 12.44 5.14 -19.22
N ILE B 125 12.09 5.95 -20.20
CA ILE B 125 12.96 6.91 -20.76
C ILE B 125 12.39 8.33 -20.61
N LEU B 126 13.16 9.24 -20.06
CA LEU B 126 12.73 10.62 -19.94
C LEU B 126 13.55 11.52 -20.83
N ALA B 127 12.87 12.35 -21.56
CA ALA B 127 13.50 13.31 -22.39
C ALA B 127 12.99 14.68 -22.10
N ASP B 128 13.86 15.64 -22.28
CA ASP B 128 13.52 17.03 -22.06
C ASP B 128 12.80 17.66 -23.23
N ARG B 129 12.51 18.92 -23.08
CA ARG B 129 11.79 19.69 -24.07
C ARG B 129 12.54 19.82 -25.38
N LYS B 130 13.84 19.63 -25.34
CA LYS B 130 14.63 19.62 -26.52
C LYS B 130 14.76 18.23 -27.10
N GLY B 131 14.22 17.23 -26.44
CA GLY B 131 14.28 15.88 -26.93
C GLY B 131 15.49 15.08 -26.51
N ARG B 132 16.28 15.66 -25.64
CA ARG B 132 17.44 14.95 -25.18
C ARG B 132 17.09 13.95 -24.11
N ILE B 133 17.54 12.74 -24.27
CA ILE B 133 17.32 11.75 -23.29
C ILE B 133 18.13 12.09 -22.07
N ARG B 134 17.47 12.22 -20.94
CA ARG B 134 18.10 12.63 -19.71
C ARG B 134 18.16 11.56 -18.66
N GLN B 135 17.25 10.63 -18.71
CA GLN B 135 17.29 9.49 -17.84
C GLN B 135 16.77 8.26 -18.51
N VAL B 136 17.37 7.13 -18.16
CA VAL B 136 16.87 5.85 -18.49
C VAL B 136 16.92 5.03 -17.26
N GLN B 137 15.84 4.36 -16.93
CA GLN B 137 15.82 3.51 -15.78
C GLN B 137 15.10 2.21 -15.96
N PHE B 138 15.68 1.17 -15.42
CA PHE B 138 15.11 -0.14 -15.47
C PHE B 138 14.43 -0.48 -14.17
N GLY B 139 13.32 -1.16 -14.23
CA GLY B 139 12.63 -1.61 -13.05
C GLY B 139 11.69 -0.70 -12.32
N GLN B 140 11.38 -1.06 -11.09
CA GLN B 140 10.45 -0.29 -10.28
C GLN B 140 11.02 1.08 -9.94
N VAL B 141 10.30 2.12 -10.24
CA VAL B 141 10.70 3.47 -9.85
C VAL B 141 9.72 4.05 -8.87
N ASP B 142 10.23 4.58 -7.78
CA ASP B 142 9.42 5.18 -6.74
C ASP B 142 8.69 6.41 -7.29
N ASP B 143 7.48 6.63 -6.87
CA ASP B 143 6.71 7.77 -7.33
C ASP B 143 7.39 9.07 -6.95
N PHE B 144 7.97 9.14 -5.78
CA PHE B 144 8.65 10.34 -5.36
C PHE B 144 9.82 10.71 -6.20
N VAL B 145 10.64 9.73 -6.51
CA VAL B 145 11.79 9.90 -7.38
C VAL B 145 11.35 10.31 -8.75
N LEU B 146 10.30 9.70 -9.25
CA LEU B 146 9.82 10.07 -10.55
C LEU B 146 9.36 11.50 -10.65
N GLY B 147 8.66 11.98 -9.64
CA GLY B 147 8.24 13.34 -9.57
C GLY B 147 9.38 14.30 -9.50
N LEU B 148 10.39 14.00 -8.73
CA LEU B 148 11.51 14.86 -8.63
C LEU B 148 12.16 15.03 -9.99
N LEU B 149 12.32 13.94 -10.72
CA LEU B 149 12.91 13.99 -12.02
C LEU B 149 12.12 14.80 -13.01
N LEU B 150 10.82 14.59 -13.08
CA LEU B 150 9.98 15.34 -13.97
C LEU B 150 9.86 16.82 -13.62
N GLY B 151 9.71 17.13 -12.34
CA GLY B 151 9.57 18.49 -11.91
C GLY B 151 10.80 19.24 -12.28
N SER B 152 11.92 18.58 -12.09
CA SER B 152 13.19 19.13 -12.44
C SER B 152 13.32 19.43 -13.91
N LEU B 153 12.95 18.49 -14.75
CA LEU B 153 12.90 18.69 -16.18
C LEU B 153 11.93 19.74 -16.62
N LEU B 154 10.78 19.82 -15.99
CA LEU B 154 9.77 20.81 -16.32
C LEU B 154 10.18 22.27 -16.07
N SER B 155 11.01 22.50 -15.09
CA SER B 155 11.36 23.86 -14.71
C SER B 155 12.68 24.40 -15.25
N GLU B 156 13.48 23.53 -15.86
CA GLU B 156 14.72 23.90 -16.52
C GLU B 156 14.47 24.93 -17.54
N THR B 157 15.32 25.95 -17.54
CA THR B 157 15.23 27.08 -18.44
C THR B 157 15.22 26.69 -19.91
N ASN C 6 6.41 39.86 -3.48
CA ASN C 6 5.31 39.04 -3.01
C ASN C 6 5.62 38.07 -1.83
N ALA C 7 6.26 36.96 -2.11
CA ALA C 7 6.46 35.92 -1.15
C ALA C 7 7.40 36.25 0.01
N PRO C 8 6.97 35.92 1.21
CA PRO C 8 7.73 36.14 2.43
C PRO C 8 8.93 35.24 2.62
N LEU C 9 9.93 35.70 3.32
CA LEU C 9 11.07 34.88 3.69
C LEU C 9 10.72 33.87 4.75
N LEU C 10 11.48 32.80 4.85
CA LEU C 10 11.22 31.82 5.85
C LEU C 10 11.99 32.17 7.08
N GLU C 11 11.28 32.44 8.16
CA GLU C 11 11.90 32.77 9.41
C GLU C 11 11.27 31.96 10.54
N LEU C 12 11.95 30.90 10.94
CA LEU C 12 11.46 30.05 11.99
C LEU C 12 11.69 30.64 13.36
N ASP C 13 10.68 30.59 14.22
CA ASP C 13 10.81 30.95 15.61
C ASP C 13 10.81 29.71 16.46
N VAL C 14 11.97 29.42 17.01
CA VAL C 14 12.27 28.16 17.59
C VAL C 14 12.66 28.26 19.01
N GLN C 15 11.96 27.58 19.88
CA GLN C 15 12.35 27.46 21.25
C GLN C 15 13.62 26.65 21.48
N GLU C 16 13.76 25.51 20.84
CA GLU C 16 15.01 24.79 20.80
C GLU C 16 15.17 23.80 19.66
N TRP C 17 16.40 23.53 19.26
CA TRP C 17 16.70 22.48 18.34
C TRP C 17 17.16 21.29 19.14
N VAL C 18 16.40 20.22 19.04
CA VAL C 18 16.42 19.09 19.92
C VAL C 18 17.41 17.96 19.63
N ASN C 19 17.89 17.86 18.40
CA ASN C 19 18.82 16.84 18.01
C ASN C 19 19.88 17.35 17.10
N HIS C 20 20.06 18.65 17.04
CA HIS C 20 20.99 19.17 16.06
C HIS C 20 21.43 20.53 16.48
N GLU C 21 22.47 21.03 15.86
CA GLU C 21 22.83 22.40 16.04
C GLU C 21 21.82 23.26 15.32
N GLY C 22 21.48 24.39 15.86
CA GLY C 22 20.45 25.19 15.24
C GLY C 22 20.80 25.71 13.89
N LEU C 23 19.81 26.00 13.07
CA LEU C 23 20.11 26.55 11.77
C LEU C 23 19.64 27.98 11.56
N SER C 24 20.57 28.80 11.14
CA SER C 24 20.30 30.15 10.77
C SER C 24 19.66 30.19 9.42
N ASN C 25 19.12 31.32 9.08
CA ASN C 25 18.68 31.51 7.73
C ASN C 25 19.79 31.45 6.70
N GLU C 26 20.91 32.05 7.01
CA GLU C 26 22.03 32.07 6.11
C GLU C 26 22.52 30.66 5.90
N ASP C 27 22.31 29.80 6.86
CA ASP C 27 22.65 28.43 6.63
C ASP C 27 21.78 27.89 5.51
N LEU C 28 20.50 28.21 5.52
CA LEU C 28 19.60 27.57 4.59
C LEU C 28 19.50 28.24 3.28
N ARG C 29 20.03 29.44 3.17
CA ARG C 29 20.03 30.11 1.88
C ARG C 29 20.89 29.33 0.90
N GLY C 30 20.45 29.26 -0.34
CA GLY C 30 21.12 28.45 -1.31
C GLY C 30 20.75 26.99 -1.32
N LYS C 31 19.79 26.61 -0.48
CA LYS C 31 19.23 25.28 -0.47
C LYS C 31 17.72 25.35 -0.50
N VAL C 32 17.08 24.35 -1.07
CA VAL C 32 15.66 24.21 -0.95
C VAL C 32 15.34 23.68 0.43
N VAL C 33 14.34 24.25 1.09
CA VAL C 33 14.01 23.80 2.41
C VAL C 33 12.65 23.14 2.52
N VAL C 34 12.58 22.03 3.18
CA VAL C 34 11.32 21.43 3.47
C VAL C 34 11.12 21.45 4.93
N VAL C 35 10.12 22.17 5.38
CA VAL C 35 9.77 22.12 6.75
C VAL C 35 8.56 21.24 6.92
N GLU C 36 8.70 20.17 7.65
CA GLU C 36 7.58 19.35 8.00
C GLU C 36 7.07 19.74 9.38
N VAL C 37 5.87 20.27 9.41
CA VAL C 37 5.26 20.72 10.62
C VAL C 37 4.30 19.68 11.18
N PHE C 38 4.61 19.19 12.36
CA PHE C 38 3.93 18.06 12.93
C PHE C 38 3.67 18.16 14.41
N GLN C 39 2.66 17.44 14.86
CA GLN C 39 2.49 17.14 16.25
C GLN C 39 2.78 15.65 16.37
N MSE C 40 3.39 15.25 17.46
CA MSE C 40 3.80 13.88 17.64
C MSE C 40 2.65 12.90 17.77
O MSE C 40 2.80 11.77 17.48
CB MSE C 40 4.80 13.73 18.77
CG MSE C 40 4.32 14.18 20.13
SE MSE C 40 5.63 14.03 21.47
CE MSE C 40 5.10 12.36 22.17
N LEU C 41 1.51 13.39 18.22
CA LEU C 41 0.36 12.58 18.47
C LEU C 41 -0.69 12.68 17.37
N CYS C 42 -0.31 13.02 16.18
CA CYS C 42 -1.26 13.18 15.11
C CYS C 42 -1.08 12.06 14.12
N PRO C 43 -2.13 11.33 13.86
CA PRO C 43 -2.03 10.17 13.00
C PRO C 43 -1.58 10.52 11.61
N GLY C 44 -2.03 11.64 11.08
CA GLY C 44 -1.58 12.05 9.78
C GLY C 44 -0.11 12.34 9.74
N CYS C 45 0.39 12.98 10.78
CA CYS C 45 1.80 13.17 10.89
C CYS C 45 2.61 11.90 11.10
N VAL C 46 2.22 11.05 12.01
CA VAL C 46 2.98 9.80 12.18
C VAL C 46 2.95 8.77 11.07
N ASN C 47 1.77 8.47 10.59
CA ASN C 47 1.60 7.58 9.47
C ASN C 47 2.08 8.10 8.14
N HIS C 48 2.00 9.37 7.89
CA HIS C 48 2.35 9.85 6.60
C HIS C 48 3.40 10.93 6.51
N GLY C 49 3.18 12.07 7.10
CA GLY C 49 4.08 13.18 6.90
C GLY C 49 5.51 12.99 7.35
N VAL C 50 5.72 12.45 8.52
CA VAL C 50 7.07 12.26 9.00
C VAL C 50 7.90 11.27 8.18
N PRO C 51 7.32 10.13 7.89
CA PRO C 51 7.93 9.11 7.07
C PRO C 51 8.25 9.64 5.70
N GLN C 52 7.39 10.46 5.16
CA GLN C 52 7.70 11.15 3.93
C GLN C 52 8.90 12.09 4.04
N ALA C 53 9.01 12.82 5.12
CA ALA C 53 10.17 13.63 5.36
C ALA C 53 11.45 12.79 5.53
N GLN C 54 11.34 11.67 6.21
CA GLN C 54 12.50 10.80 6.44
C GLN C 54 12.99 10.33 5.11
N LYS C 55 12.06 9.98 4.26
CA LYS C 55 12.41 9.49 2.99
C LYS C 55 13.17 10.53 2.28
N ILE C 56 12.74 11.77 2.33
CA ILE C 56 13.43 12.80 1.61
C ILE C 56 14.85 13.02 2.10
N HIS C 57 15.00 13.02 3.41
CA HIS C 57 16.23 13.32 4.02
C HIS C 57 17.22 12.26 3.60
N ARG C 58 16.80 11.02 3.67
CA ARG C 58 17.64 9.94 3.25
C ARG C 58 18.00 9.93 1.80
N MSE C 59 17.07 10.20 0.94
CA MSE C 59 17.42 10.28 -0.45
C MSE C 59 18.25 11.41 -0.98
O MSE C 59 19.07 11.20 -1.83
CB MSE C 59 16.22 10.12 -1.30
CG MSE C 59 15.60 8.82 -1.10
SE MSE C 59 14.46 8.71 -2.56
CE MSE C 59 13.72 7.04 -2.14
N ILE C 60 18.00 12.64 -0.55
CA ILE C 60 18.67 13.78 -1.14
C ILE C 60 19.58 14.39 -0.11
N ASP C 61 20.71 14.91 -0.56
CA ASP C 61 21.66 15.48 0.35
C ASP C 61 21.47 16.93 0.71
N GLU C 62 22.07 17.30 1.82
CA GLU C 62 21.86 18.59 2.42
C GLU C 62 22.48 19.66 1.58
N SER C 63 23.26 19.25 0.61
CA SER C 63 23.76 20.21 -0.34
C SER C 63 22.59 20.82 -1.10
N GLN C 64 21.60 19.99 -1.40
CA GLN C 64 20.50 20.39 -2.23
C GLN C 64 19.26 20.77 -1.45
N VAL C 65 18.89 19.92 -0.52
CA VAL C 65 17.68 20.08 0.22
C VAL C 65 17.94 19.81 1.68
N GLN C 66 17.41 20.66 2.54
CA GLN C 66 17.39 20.46 3.96
C GLN C 66 15.99 20.18 4.53
N VAL C 67 15.86 19.12 5.30
CA VAL C 67 14.63 18.80 5.91
C VAL C 67 14.67 19.26 7.33
N ILE C 68 13.67 20.02 7.71
CA ILE C 68 13.48 20.47 9.06
C ILE C 68 12.15 20.01 9.59
N GLY C 69 12.18 19.41 10.76
CA GLY C 69 10.97 19.07 11.44
C GLY C 69 10.65 20.20 12.35
N LEU C 70 9.39 20.62 12.40
CA LEU C 70 8.96 21.62 13.35
C LEU C 70 7.81 21.12 14.13
N HIS C 71 8.00 20.91 15.41
CA HIS C 71 6.96 20.41 16.27
C HIS C 71 6.20 21.60 16.77
N SER C 72 4.99 21.78 16.29
CA SER C 72 4.19 22.88 16.68
C SER C 72 3.00 22.32 17.40
N VAL C 73 3.07 22.24 18.69
CA VAL C 73 2.03 21.70 19.49
C VAL C 73 1.02 22.76 19.78
N PHE C 74 -0.21 22.55 19.39
CA PHE C 74 -1.22 23.53 19.64
C PHE C 74 -2.37 23.02 20.50
N GLU C 75 -2.31 21.78 20.90
CA GLU C 75 -3.30 21.19 21.78
C GLU C 75 -2.63 20.19 22.68
N HIS C 76 -3.20 19.94 23.84
CA HIS C 76 -2.67 18.94 24.75
C HIS C 76 -1.23 19.13 25.09
N HIS C 77 -0.89 20.35 25.45
CA HIS C 77 0.47 20.76 25.69
C HIS C 77 1.16 20.01 26.77
N ASP C 78 0.46 19.74 27.86
CA ASP C 78 1.08 19.04 28.99
C ASP C 78 1.57 17.66 28.66
N VAL C 79 0.98 16.98 27.69
CA VAL C 79 1.50 15.68 27.28
C VAL C 79 2.42 15.61 26.09
N MSE C 80 2.63 16.71 25.39
CA MSE C 80 3.44 16.73 24.18
C MSE C 80 4.74 17.48 24.35
O MSE C 80 5.25 18.10 23.45
CB MSE C 80 2.65 17.22 22.97
CG MSE C 80 1.99 16.09 22.18
SE MSE C 80 1.15 16.40 20.45
CE MSE C 80 -0.55 16.81 20.92
N THR C 81 5.34 17.33 25.51
CA THR C 81 6.44 18.14 25.95
C THR C 81 7.62 17.83 25.13
N PRO C 82 8.64 18.65 25.19
CA PRO C 82 9.88 18.41 24.49
C PRO C 82 10.56 17.18 24.97
N GLU C 83 10.34 16.83 26.22
CA GLU C 83 10.91 15.60 26.72
C GLU C 83 10.28 14.43 25.95
N ALA C 84 8.99 14.48 25.78
CA ALA C 84 8.26 13.47 25.05
C ALA C 84 8.72 13.40 23.62
N LEU C 85 9.01 14.54 23.05
CA LEU C 85 9.43 14.64 21.68
C LEU C 85 10.71 13.94 21.46
N LYS C 86 11.61 14.09 22.40
CA LYS C 86 12.94 13.53 22.22
C LYS C 86 12.87 12.01 22.17
N VAL C 87 12.00 11.45 22.96
CA VAL C 87 11.78 10.03 22.94
C VAL C 87 11.15 9.62 21.63
N PHE C 88 10.19 10.40 21.19
CA PHE C 88 9.46 10.06 20.01
C PHE C 88 10.42 10.03 18.88
N ILE C 89 11.33 10.96 18.87
CA ILE C 89 12.27 11.04 17.81
C ILE C 89 13.17 9.83 17.68
N ASP C 90 13.73 9.36 18.78
CA ASP C 90 14.59 8.21 18.70
C ASP C 90 13.84 6.94 18.35
N GLU C 91 12.69 6.83 18.98
CA GLU C 91 11.81 5.72 18.90
C GLU C 91 11.34 5.53 17.48
N PHE C 92 11.14 6.63 16.79
CA PHE C 92 10.75 6.62 15.41
C PHE C 92 11.92 6.75 14.50
N GLY C 93 13.10 6.89 15.06
CA GLY C 93 14.28 7.00 14.23
C GLY C 93 14.45 8.17 13.32
N ILE C 94 13.98 9.33 13.73
CA ILE C 94 14.18 10.51 12.92
C ILE C 94 15.58 11.05 13.07
N LYS C 95 16.21 11.36 11.96
CA LYS C 95 17.58 11.80 11.95
C LYS C 95 17.81 13.21 11.49
N PHE C 96 16.79 13.82 10.91
CA PHE C 96 16.81 15.20 10.52
C PHE C 96 16.57 16.12 11.69
N PRO C 97 16.97 17.35 11.54
CA PRO C 97 16.84 18.35 12.60
C PRO C 97 15.41 18.66 12.95
N VAL C 98 15.12 18.65 14.22
CA VAL C 98 13.81 18.93 14.70
C VAL C 98 13.80 20.07 15.69
N ALA C 99 12.96 21.06 15.43
CA ALA C 99 12.82 22.22 16.25
C ALA C 99 11.47 22.30 16.84
N VAL C 100 11.42 22.77 18.06
CA VAL C 100 10.18 23.05 18.73
C VAL C 100 9.80 24.49 18.47
N ASP C 101 8.61 24.70 17.97
CA ASP C 101 8.10 26.00 17.64
C ASP C 101 7.99 26.79 18.95
N MSE C 102 8.44 28.03 18.96
CA MSE C 102 8.34 28.90 19.94
CA MSE C 102 8.34 28.88 19.96
C MSE C 102 7.06 29.08 20.46
O MSE C 102 6.25 29.56 19.76
CB MSE C 102 8.98 30.25 19.56
CB MSE C 102 9.04 30.20 19.65
CG MSE C 102 9.03 31.25 20.69
CG MSE C 102 8.89 31.23 20.75
SE MSE C 102 10.22 30.69 22.11
SE MSE C 102 10.09 32.71 20.52
CE MSE C 102 11.91 31.25 21.35
CE MSE C 102 11.77 31.78 20.81
N PRO C 103 6.81 28.72 21.69
CA PRO C 103 5.49 28.98 22.26
C PRO C 103 5.26 30.45 22.60
N ARG C 104 4.00 30.78 22.76
CA ARG C 104 3.58 32.14 23.01
C ARG C 104 2.89 32.21 24.32
N GLU C 105 3.16 33.24 25.09
CA GLU C 105 2.58 33.34 26.41
C GLU C 105 1.09 33.54 26.36
N GLY C 106 0.38 32.67 27.06
CA GLY C 106 -1.05 32.73 27.14
C GLY C 106 -1.75 32.19 25.93
N GLN C 107 -1.01 31.53 25.06
CA GLN C 107 -1.55 31.15 23.80
C GLN C 107 -1.44 29.67 23.46
N ARG C 108 -2.48 29.08 22.97
CA ARG C 108 -2.38 27.73 22.46
C ARG C 108 -1.47 27.57 21.22
N ILE C 109 -1.54 28.49 20.27
CA ILE C 109 -0.76 28.38 19.04
C ILE C 109 0.62 28.95 19.16
N PRO C 110 1.63 28.19 18.81
CA PRO C 110 2.98 28.66 18.84
C PRO C 110 3.25 29.56 17.65
N SER C 111 4.36 30.24 17.74
CA SER C 111 4.65 31.38 16.93
C SER C 111 4.82 31.21 15.43
N THR C 112 5.59 30.26 14.97
CA THR C 112 5.73 30.05 13.56
C THR C 112 4.43 29.66 12.93
N MSE C 113 3.72 28.78 13.60
CA MSE C 113 2.45 28.29 13.13
C MSE C 113 1.45 29.43 12.99
O MSE C 113 0.77 29.49 12.03
CB MSE C 113 1.97 27.19 14.04
CG MSE C 113 0.56 26.73 13.81
SE MSE C 113 0.00 25.10 14.66
CE MSE C 113 -1.73 25.39 14.49
N LYS C 114 1.42 30.33 13.94
CA LYS C 114 0.60 31.52 13.89
C LYS C 114 0.93 32.49 12.77
N LYS C 115 2.20 32.78 12.62
CA LYS C 115 2.74 33.72 11.68
C LYS C 115 2.41 33.36 10.26
N TYR C 116 2.52 32.10 9.92
CA TYR C 116 2.25 31.64 8.59
C TYR C 116 0.87 31.09 8.42
N ARG C 117 0.07 31.20 9.46
CA ARG C 117 -1.33 30.79 9.48
C ARG C 117 -1.68 29.40 9.05
N LEU C 118 -0.97 28.42 9.51
CA LEU C 118 -1.23 27.07 9.17
C LEU C 118 -2.57 26.61 9.68
N GLU C 119 -3.24 25.83 8.89
CA GLU C 119 -4.47 25.23 9.30
C GLU C 119 -4.32 24.18 10.35
N GLY C 120 -3.16 23.57 10.46
CA GLY C 120 -2.97 22.48 11.38
C GLY C 120 -1.80 21.59 11.01
N THR C 121 -1.78 20.38 11.54
CA THR C 121 -0.76 19.43 11.20
C THR C 121 -1.39 18.21 10.58
N PRO C 122 -0.74 17.56 9.65
CA PRO C 122 0.54 17.97 9.13
C PRO C 122 0.43 19.11 8.15
N SER C 123 1.46 19.91 8.07
CA SER C 123 1.61 20.90 7.04
C SER C 123 3.02 20.82 6.56
N ILE C 124 3.25 21.17 5.33
CA ILE C 124 4.59 21.36 4.84
C ILE C 124 4.79 22.74 4.32
N ILE C 125 5.98 23.24 4.53
CA ILE C 125 6.40 24.48 3.96
C ILE C 125 7.61 24.26 3.09
N LEU C 126 7.54 24.75 1.87
CA LEU C 126 8.65 24.67 0.95
C LEU C 126 9.23 26.03 0.65
N ALA C 127 10.50 26.17 0.88
CA ALA C 127 11.18 27.41 0.58
C ALA C 127 12.24 27.21 -0.49
N ASP C 128 12.40 28.21 -1.32
CA ASP C 128 13.44 28.21 -2.33
C ASP C 128 14.83 28.57 -1.83
N ARG C 129 15.77 28.48 -2.74
CA ARG C 129 17.18 28.70 -2.47
C ARG C 129 17.44 30.12 -2.01
N LYS C 130 16.53 31.03 -2.34
CA LYS C 130 16.61 32.42 -2.00
C LYS C 130 15.88 32.67 -0.69
N GLY C 131 15.60 31.60 0.00
CA GLY C 131 15.06 31.65 1.33
C GLY C 131 13.62 32.00 1.45
N ARG C 132 12.90 32.02 0.37
CA ARG C 132 11.59 32.56 0.38
C ARG C 132 10.49 31.52 0.16
N ILE C 133 9.36 31.70 0.79
CA ILE C 133 8.41 30.64 0.87
C ILE C 133 7.59 30.50 -0.38
N ARG C 134 7.64 29.32 -0.98
CA ARG C 134 6.90 29.03 -2.17
C ARG C 134 5.65 28.14 -2.03
N GLN C 135 5.61 27.23 -1.09
CA GLN C 135 4.40 26.47 -0.91
C GLN C 135 4.07 26.20 0.51
N VAL C 136 2.80 26.26 0.83
CA VAL C 136 2.32 25.79 2.09
C VAL C 136 1.13 24.89 1.88
N GLN C 137 1.29 23.63 2.25
CA GLN C 137 0.22 22.66 2.09
C GLN C 137 -0.21 21.94 3.36
N PHE C 138 -1.51 21.90 3.59
CA PHE C 138 -2.07 21.17 4.70
C PHE C 138 -2.53 19.81 4.29
N GLY C 139 -2.33 18.83 5.15
CA GLY C 139 -2.83 17.51 4.95
C GLY C 139 -1.91 16.52 4.30
N GLN C 140 -2.43 15.37 3.90
CA GLN C 140 -1.65 14.37 3.20
C GLN C 140 -1.25 14.84 1.81
N VAL C 141 0.03 14.80 1.51
CA VAL C 141 0.54 15.12 0.18
C VAL C 141 1.02 13.86 -0.55
N ASP C 142 0.63 13.71 -1.79
CA ASP C 142 1.02 12.57 -2.58
C ASP C 142 2.51 12.59 -2.91
N ASP C 143 3.16 11.44 -2.85
CA ASP C 143 4.59 11.34 -2.99
C ASP C 143 4.98 11.90 -4.34
N PHE C 144 4.19 11.60 -5.36
CA PHE C 144 4.43 12.09 -6.67
C PHE C 144 4.33 13.61 -6.79
N VAL C 145 3.30 14.19 -6.24
CA VAL C 145 3.11 15.60 -6.25
C VAL C 145 4.22 16.29 -5.50
N LEU C 146 4.62 15.75 -4.37
CA LEU C 146 5.74 16.29 -3.63
C LEU C 146 7.09 16.25 -4.34
N GLY C 147 7.35 15.18 -5.05
CA GLY C 147 8.52 15.12 -5.87
C GLY C 147 8.55 16.16 -6.97
N LEU C 148 7.44 16.37 -7.66
CA LEU C 148 7.38 17.37 -8.66
C LEU C 148 7.64 18.72 -8.08
N LEU C 149 7.07 19.01 -6.94
CA LEU C 149 7.27 20.31 -6.33
C LEU C 149 8.71 20.56 -5.93
N LEU C 150 9.33 19.59 -5.30
CA LEU C 150 10.70 19.75 -4.95
C LEU C 150 11.58 19.91 -6.20
N GLY C 151 11.36 19.08 -7.19
CA GLY C 151 12.17 19.08 -8.37
C GLY C 151 12.09 20.39 -9.10
N SER C 152 10.92 20.95 -9.11
CA SER C 152 10.71 22.21 -9.74
C SER C 152 11.51 23.32 -9.10
N LEU C 153 11.54 23.35 -7.79
CA LEU C 153 12.31 24.30 -7.04
C LEU C 153 13.78 24.17 -7.24
N LEU C 154 14.24 22.93 -7.28
CA LEU C 154 15.63 22.63 -7.42
C LEU C 154 16.25 23.11 -8.72
N SER C 155 15.50 23.10 -9.78
CA SER C 155 16.08 23.31 -11.08
C SER C 155 15.84 24.67 -11.66
N GLU C 156 14.89 25.41 -11.14
CA GLU C 156 14.66 26.76 -11.64
C GLU C 156 15.79 27.75 -11.32
N THR C 157 15.92 28.73 -12.19
CA THR C 157 17.04 29.65 -12.15
C THR C 157 16.54 31.04 -11.87
N PRO D 8 -5.93 -21.47 29.74
CA PRO D 8 -5.89 -20.31 30.61
C PRO D 8 -7.05 -19.39 30.34
N LEU D 9 -7.95 -19.21 31.28
CA LEU D 9 -9.04 -18.27 31.11
C LEU D 9 -8.53 -16.84 31.18
N LEU D 10 -8.92 -16.01 30.21
CA LEU D 10 -8.40 -14.66 30.10
C LEU D 10 -8.89 -13.80 31.22
N GLU D 11 -7.95 -13.17 31.90
CA GLU D 11 -8.20 -12.30 33.01
C GLU D 11 -7.24 -11.15 32.90
N LEU D 12 -7.72 -9.93 32.95
CA LEU D 12 -6.80 -8.82 32.79
C LEU D 12 -6.71 -8.04 34.08
N ASP D 13 -5.51 -7.60 34.41
CA ASP D 13 -5.26 -6.75 35.56
C ASP D 13 -5.24 -5.25 35.18
N VAL D 14 -6.32 -4.57 35.50
CA VAL D 14 -6.59 -3.24 35.03
C VAL D 14 -6.62 -2.20 36.13
N GLN D 15 -5.72 -1.26 36.06
CA GLN D 15 -5.81 -0.09 36.89
C GLN D 15 -7.02 0.77 36.59
N GLU D 16 -7.24 1.13 35.33
CA GLU D 16 -8.43 1.86 34.89
C GLU D 16 -8.83 1.70 33.42
N TRP D 17 -10.10 1.90 33.14
CA TRP D 17 -10.60 1.95 31.79
C TRP D 17 -10.75 3.41 31.44
N VAL D 18 -9.96 3.85 30.49
CA VAL D 18 -9.97 5.22 30.09
C VAL D 18 -11.18 5.77 29.37
N ASN D 19 -11.69 5.07 28.38
CA ASN D 19 -12.74 5.58 27.54
C ASN D 19 -14.05 4.84 27.54
N HIS D 20 -14.20 3.91 28.46
CA HIS D 20 -15.37 3.08 28.50
C HIS D 20 -15.54 2.60 29.91
N GLU D 21 -16.75 2.21 30.20
CA GLU D 21 -17.12 1.65 31.47
C GLU D 21 -16.41 0.34 31.50
N GLY D 22 -16.28 -0.26 32.67
CA GLY D 22 -15.60 -1.53 32.82
C GLY D 22 -16.22 -2.74 32.20
N LEU D 23 -15.40 -3.71 31.79
CA LEU D 23 -15.89 -4.93 31.18
C LEU D 23 -15.88 -6.10 32.14
N SER D 24 -17.06 -6.56 32.49
CA SER D 24 -17.23 -7.75 33.28
C SER D 24 -17.07 -8.98 32.43
N ASN D 25 -16.93 -10.11 33.06
CA ASN D 25 -16.92 -11.36 32.34
C ASN D 25 -18.21 -11.53 31.66
N GLU D 26 -19.25 -10.97 32.27
CA GLU D 26 -20.61 -11.10 31.77
C GLU D 26 -20.74 -10.44 30.41
N ASP D 27 -20.06 -9.32 30.26
CA ASP D 27 -19.90 -8.68 29.00
C ASP D 27 -19.08 -9.54 28.01
N LEU D 28 -17.98 -10.13 28.47
CA LEU D 28 -17.14 -10.97 27.66
C LEU D 28 -17.74 -12.29 27.19
N ARG D 29 -18.56 -12.92 28.01
CA ARG D 29 -18.94 -14.27 27.75
C ARG D 29 -19.66 -14.48 26.45
N GLY D 30 -19.29 -15.54 25.77
CA GLY D 30 -19.86 -15.85 24.49
C GLY D 30 -19.25 -15.17 23.28
N LYS D 31 -18.14 -14.48 23.47
CA LYS D 31 -17.56 -13.62 22.46
C LYS D 31 -16.15 -14.01 22.28
N VAL D 32 -15.65 -13.79 21.10
CA VAL D 32 -14.25 -13.87 20.83
C VAL D 32 -13.64 -12.54 21.26
N VAL D 33 -12.46 -12.60 21.83
CA VAL D 33 -11.82 -11.42 22.34
C VAL D 33 -10.47 -11.22 21.71
N VAL D 34 -10.20 -9.99 21.32
CA VAL D 34 -8.93 -9.64 20.72
C VAL D 34 -8.31 -8.61 21.64
N VAL D 35 -7.13 -8.90 22.13
CA VAL D 35 -6.48 -7.98 23.01
C VAL D 35 -5.32 -7.44 22.29
N GLU D 36 -5.33 -6.15 22.08
CA GLU D 36 -4.26 -5.49 21.40
C GLU D 36 -3.36 -4.84 22.42
N VAL D 37 -2.17 -5.36 22.54
CA VAL D 37 -1.31 -4.96 23.60
C VAL D 37 -0.28 -4.03 23.03
N PHE D 38 -0.35 -2.79 23.51
CA PHE D 38 0.38 -1.72 22.87
C PHE D 38 1.03 -0.70 23.79
N GLN D 39 1.97 0.01 23.20
CA GLN D 39 2.49 1.25 23.71
C GLN D 39 2.15 2.39 22.78
N MSE D 40 1.78 3.52 23.35
CA MSE D 40 1.45 4.70 22.58
C MSE D 40 2.57 5.26 21.72
O MSE D 40 2.29 5.84 20.71
CB MSE D 40 0.77 5.78 23.43
CG MSE D 40 1.56 6.52 24.47
SE MSE D 40 0.33 7.65 25.30
CE MSE D 40 -0.73 6.56 26.32
N LEU D 41 3.82 5.07 22.08
CA LEU D 41 4.91 5.56 21.24
C LEU D 41 5.72 4.55 20.48
N CYS D 42 5.15 3.38 20.27
CA CYS D 42 5.87 2.32 19.65
C CYS D 42 5.38 2.36 18.26
N PRO D 43 6.28 2.47 17.32
CA PRO D 43 5.91 2.70 15.95
C PRO D 43 5.07 1.57 15.44
N GLY D 44 5.48 0.35 15.72
CA GLY D 44 4.83 -0.80 15.17
C GLY D 44 3.40 -0.79 15.61
N CYS D 45 3.15 -0.47 16.87
CA CYS D 45 1.80 -0.38 17.31
C CYS D 45 1.09 0.72 16.58
N VAL D 46 1.69 1.88 16.46
CA VAL D 46 1.03 3.00 15.87
C VAL D 46 0.72 2.89 14.38
N ASN D 47 1.68 2.45 13.60
CA ASN D 47 1.56 2.20 12.19
C ASN D 47 0.66 1.08 11.66
N HIS D 48 0.54 0.00 12.40
CA HIS D 48 0.05 -1.20 11.98
CA HIS D 48 0.09 -1.23 11.99
C HIS D 48 -0.80 -1.78 12.94
N GLY D 49 -0.35 -2.08 14.13
CA GLY D 49 -1.21 -2.72 15.08
C GLY D 49 -2.46 -2.07 15.62
N VAL D 50 -2.39 -0.81 15.98
CA VAL D 50 -3.58 -0.14 16.41
C VAL D 50 -4.64 0.03 15.33
N PRO D 51 -4.25 0.41 14.13
CA PRO D 51 -5.16 0.59 13.03
C PRO D 51 -5.87 -0.70 12.67
N GLN D 52 -5.14 -1.78 12.71
CA GLN D 52 -5.70 -3.08 12.45
C GLN D 52 -6.73 -3.46 13.47
N ALA D 53 -6.47 -3.15 14.72
CA ALA D 53 -7.44 -3.35 15.76
C ALA D 53 -8.69 -2.50 15.56
N GLN D 54 -8.50 -1.28 15.10
CA GLN D 54 -9.58 -0.40 14.82
C GLN D 54 -10.42 -0.96 13.68
N LYS D 55 -9.77 -1.56 12.72
CA LYS D 55 -10.45 -2.20 11.62
C LYS D 55 -11.36 -3.36 12.07
N ILE D 56 -10.88 -4.20 12.95
CA ILE D 56 -11.69 -5.26 13.45
C ILE D 56 -12.89 -4.73 14.18
N HIS D 57 -12.67 -3.73 14.97
CA HIS D 57 -13.72 -3.16 15.73
C HIS D 57 -14.76 -2.56 14.83
N ARG D 58 -14.35 -1.87 13.79
CA ARG D 58 -15.27 -1.33 12.83
C ARG D 58 -16.01 -2.35 12.00
N MSE D 59 -15.31 -3.38 11.59
CA MSE D 59 -15.80 -4.47 10.79
C MSE D 59 -16.77 -5.46 11.44
O MSE D 59 -17.69 -5.91 10.83
CB MSE D 59 -14.60 -5.21 10.25
CG MSE D 59 -14.72 -5.77 8.88
SE MSE D 59 -13.65 -4.93 7.50
CE MSE D 59 -14.95 -5.14 6.20
N ILE D 60 -16.48 -5.86 12.66
CA ILE D 60 -17.20 -6.92 13.30
C ILE D 60 -17.92 -6.41 14.49
N ASP D 61 -19.17 -6.78 14.60
CA ASP D 61 -19.98 -6.29 15.67
C ASP D 61 -19.49 -6.80 17.00
N GLU D 62 -19.69 -5.98 18.01
CA GLU D 62 -19.25 -6.20 19.38
C GLU D 62 -19.89 -7.41 20.02
N SER D 63 -21.08 -7.75 19.57
CA SER D 63 -21.74 -8.97 19.92
C SER D 63 -21.07 -10.26 19.48
N GLN D 64 -20.15 -10.22 18.55
CA GLN D 64 -19.40 -11.29 18.11
CA GLN D 64 -19.41 -11.29 18.12
C GLN D 64 -18.04 -11.10 18.59
N VAL D 65 -17.31 -10.04 18.29
CA VAL D 65 -15.93 -9.92 18.70
C VAL D 65 -15.76 -8.67 19.53
N GLN D 66 -15.10 -8.78 20.68
CA GLN D 66 -14.75 -7.64 21.48
C GLN D 66 -13.27 -7.33 21.40
N VAL D 67 -12.97 -6.14 20.95
CA VAL D 67 -11.61 -5.68 20.83
C VAL D 67 -11.18 -4.90 22.08
N ILE D 68 -10.03 -5.21 22.59
CA ILE D 68 -9.57 -4.62 23.80
C ILE D 68 -8.20 -4.07 23.61
N GLY D 69 -8.01 -2.83 23.99
CA GLY D 69 -6.70 -2.26 23.94
C GLY D 69 -6.07 -2.31 25.30
N LEU D 70 -4.88 -2.77 25.40
CA LEU D 70 -4.33 -2.77 26.70
C LEU D 70 -3.03 -2.00 26.71
N HIS D 71 -2.99 -0.93 27.47
CA HIS D 71 -1.81 -0.10 27.43
C HIS D 71 -0.80 -0.59 28.45
N SER D 72 0.34 -1.00 27.97
CA SER D 72 1.28 -1.68 28.82
C SER D 72 2.61 -1.04 28.74
N VAL D 73 2.80 -0.05 29.59
CA VAL D 73 3.96 0.79 29.52
C VAL D 73 5.08 0.16 30.31
N PHE D 74 6.14 -0.23 29.63
CA PHE D 74 7.27 -0.77 30.34
C PHE D 74 8.50 0.12 30.39
N GLU D 75 8.45 1.22 29.65
CA GLU D 75 9.53 2.17 29.59
C GLU D 75 8.97 3.58 29.48
N HIS D 76 9.78 4.60 29.76
CA HIS D 76 9.40 5.97 29.49
C HIS D 76 8.11 6.33 30.15
N HIS D 77 7.91 5.89 31.37
CA HIS D 77 6.58 5.85 31.95
C HIS D 77 5.89 7.17 32.11
N ASP D 78 6.60 8.19 32.56
CA ASP D 78 6.01 9.49 32.86
C ASP D 78 5.46 10.17 31.61
N VAL D 79 6.05 9.82 30.51
CA VAL D 79 5.54 10.19 29.21
C VAL D 79 4.19 9.58 28.87
N MSE D 80 3.98 8.33 29.28
CA MSE D 80 3.02 7.45 28.70
C MSE D 80 1.88 7.23 29.67
O MSE D 80 1.29 6.22 29.80
CB MSE D 80 3.68 6.17 28.20
CG MSE D 80 4.58 6.40 26.96
SE MSE D 80 4.69 4.94 25.77
CE MSE D 80 6.41 5.00 25.06
N THR D 81 1.55 8.31 30.31
CA THR D 81 0.57 8.29 31.32
C THR D 81 -0.84 8.16 30.83
N PRO D 82 -1.71 7.89 31.76
CA PRO D 82 -3.12 7.78 31.50
C PRO D 82 -3.71 9.07 30.99
N GLU D 83 -3.12 10.18 31.38
CA GLU D 83 -3.46 11.42 30.77
C GLU D 83 -3.02 11.49 29.28
N ALA D 84 -1.82 11.03 28.97
CA ALA D 84 -1.37 10.99 27.61
C ALA D 84 -2.19 10.04 26.73
N LEU D 85 -2.50 8.89 27.27
CA LEU D 85 -3.25 7.87 26.60
C LEU D 85 -4.58 8.37 26.26
N LYS D 86 -5.20 9.13 27.12
CA LYS D 86 -6.50 9.59 26.74
C LYS D 86 -6.36 10.47 25.51
N VAL D 87 -5.31 11.26 25.44
CA VAL D 87 -5.08 12.14 24.32
C VAL D 87 -4.81 11.35 23.07
N PHE D 88 -3.98 10.33 23.16
CA PHE D 88 -3.70 9.47 22.04
C PHE D 88 -4.93 8.77 21.50
N ILE D 89 -5.78 8.29 22.37
CA ILE D 89 -6.97 7.66 21.94
C ILE D 89 -7.83 8.67 21.21
N ASP D 90 -7.90 9.86 21.77
CA ASP D 90 -8.68 10.88 21.16
C ASP D 90 -8.13 11.29 19.80
N GLU D 91 -6.85 11.47 19.68
CA GLU D 91 -6.25 11.80 18.42
C GLU D 91 -6.43 10.70 17.38
N PHE D 92 -6.20 9.46 17.73
CA PHE D 92 -6.21 8.39 16.76
C PHE D 92 -7.60 7.86 16.59
N GLY D 93 -8.52 8.47 17.28
CA GLY D 93 -9.90 8.09 17.25
C GLY D 93 -10.26 6.68 17.60
N ILE D 94 -9.65 6.13 18.61
CA ILE D 94 -9.94 4.79 19.08
C ILE D 94 -11.22 4.70 19.90
N LYS D 95 -12.13 3.84 19.49
CA LYS D 95 -13.40 3.69 20.12
C LYS D 95 -13.64 2.38 20.84
N PHE D 96 -12.72 1.46 20.74
CA PHE D 96 -12.81 0.27 21.52
C PHE D 96 -12.31 0.52 22.92
N PRO D 97 -12.78 -0.25 23.87
CA PRO D 97 -12.36 -0.04 25.23
C PRO D 97 -10.90 -0.27 25.36
N VAL D 98 -10.23 0.62 26.08
CA VAL D 98 -8.82 0.54 26.36
C VAL D 98 -8.58 0.64 27.87
N ALA D 99 -7.72 -0.21 28.34
CA ALA D 99 -7.53 -0.34 29.75
C ALA D 99 -6.09 -0.14 30.03
N VAL D 100 -5.80 0.42 31.20
CA VAL D 100 -4.43 0.63 31.60
C VAL D 100 -3.94 -0.56 32.44
N ASP D 101 -2.80 -1.14 32.12
CA ASP D 101 -2.26 -2.34 32.60
CA ASP D 101 -2.26 -2.34 32.60
C ASP D 101 -2.34 -2.01 34.21
N MSE D 102 -2.67 -2.85 35.17
CA MSE D 102 -2.20 -2.51 36.53
C MSE D 102 -0.68 -2.59 36.67
O MSE D 102 -0.09 -3.56 36.25
CB MSE D 102 -2.78 -3.46 37.54
CG MSE D 102 -2.52 -3.09 38.97
SE MSE D 102 -3.87 -1.88 39.58
CE MSE D 102 -4.46 -2.83 41.14
N PRO D 103 -0.07 -1.57 37.26
CA PRO D 103 1.37 -1.56 37.45
C PRO D 103 1.70 -2.41 38.61
N ARG D 104 2.96 -2.75 38.76
CA ARG D 104 3.44 -3.45 39.91
C ARG D 104 4.43 -2.52 40.56
N GLU D 105 4.28 -2.34 41.87
CA GLU D 105 5.04 -1.36 42.60
C GLU D 105 6.53 -1.68 42.59
N GLY D 106 7.35 -0.72 42.19
CA GLY D 106 8.78 -0.91 42.10
C GLY D 106 9.24 -1.67 40.89
N GLN D 107 8.34 -1.87 39.96
CA GLN D 107 8.57 -2.66 38.78
C GLN D 107 8.32 -1.90 37.50
N ARG D 108 9.23 -2.06 36.55
CA ARG D 108 9.10 -1.53 35.22
C ARG D 108 7.93 -2.12 34.36
N ILE D 109 7.83 -3.43 34.25
CA ILE D 109 6.75 -4.01 33.50
C ILE D 109 5.50 -4.30 34.35
N PRO D 110 4.32 -4.08 33.80
CA PRO D 110 3.04 -4.23 34.52
C PRO D 110 2.50 -5.65 34.61
N SER D 111 1.41 -5.73 35.34
CA SER D 111 0.83 -6.96 35.81
C SER D 111 0.33 -7.94 34.78
N THR D 112 -0.51 -7.50 33.86
CA THR D 112 -0.92 -8.33 32.74
C THR D 112 0.16 -8.70 31.76
N MSE D 113 1.04 -7.79 31.48
CA MSE D 113 2.08 -8.11 30.56
C MSE D 113 2.91 -9.16 31.19
O MSE D 113 3.37 -10.04 30.52
CB MSE D 113 2.92 -6.88 30.23
CG MSE D 113 4.10 -7.11 29.25
SE MSE D 113 4.83 -5.41 28.73
CE MSE D 113 6.06 -5.88 27.31
N LYS D 114 3.11 -9.06 32.49
CA LYS D 114 3.96 -9.96 33.20
C LYS D 114 3.51 -11.40 33.20
N LYS D 115 2.30 -11.59 33.69
CA LYS D 115 1.67 -12.87 33.87
C LYS D 115 1.48 -13.65 32.60
N TYR D 116 1.31 -12.99 31.47
CA TYR D 116 1.16 -13.71 30.22
C TYR D 116 2.47 -13.81 29.45
N ARG D 117 3.54 -13.39 30.09
CA ARG D 117 4.87 -13.56 29.55
C ARG D 117 4.98 -13.06 28.13
N LEU D 118 4.43 -11.87 27.89
CA LEU D 118 4.45 -11.32 26.55
C LEU D 118 5.83 -10.84 26.16
N GLU D 119 6.20 -11.04 24.91
CA GLU D 119 7.51 -10.64 24.44
C GLU D 119 7.72 -9.16 24.44
N GLY D 120 6.69 -8.42 24.09
CA GLY D 120 6.75 -6.98 23.97
C GLY D 120 5.56 -6.41 23.21
N THR D 121 5.70 -5.18 22.73
CA THR D 121 4.67 -4.53 21.96
C THR D 121 5.11 -4.40 20.53
N PRO D 122 4.18 -4.57 19.61
CA PRO D 122 2.81 -4.98 19.89
C PRO D 122 2.62 -6.49 20.02
N SER D 123 1.64 -6.85 20.81
CA SER D 123 1.18 -8.20 20.91
C SER D 123 -0.33 -8.31 20.84
N ILE D 124 -0.78 -9.44 20.34
CA ILE D 124 -2.17 -9.72 20.20
C ILE D 124 -2.52 -10.98 20.95
N ILE D 125 -3.59 -10.95 21.71
CA ILE D 125 -4.04 -12.09 22.42
C ILE D 125 -5.45 -12.44 21.98
N LEU D 126 -5.64 -13.67 21.54
CA LEU D 126 -6.93 -14.15 21.07
C LEU D 126 -7.55 -15.15 22.02
N ALA D 127 -8.79 -14.95 22.39
CA ALA D 127 -9.50 -15.84 23.25
C ALA D 127 -10.82 -16.23 22.64
N ASP D 128 -11.25 -17.44 22.95
CA ASP D 128 -12.44 -18.01 22.39
C ASP D 128 -13.65 -17.58 23.11
N ARG D 129 -14.76 -18.12 22.68
CA ARG D 129 -16.05 -17.73 23.20
C ARG D 129 -16.27 -18.05 24.67
N LYS D 130 -15.50 -18.99 25.16
CA LYS D 130 -15.61 -19.46 26.50
C LYS D 130 -14.57 -18.81 27.33
N GLY D 131 -13.90 -17.84 26.76
CA GLY D 131 -12.97 -17.01 27.48
C GLY D 131 -11.60 -17.57 27.60
N ARG D 132 -11.37 -18.71 26.99
CA ARG D 132 -10.10 -19.36 27.14
C ARG D 132 -9.09 -18.82 26.17
N ILE D 133 -7.89 -18.59 26.60
CA ILE D 133 -6.93 -17.98 25.72
C ILE D 133 -6.47 -18.96 24.68
N ARG D 134 -6.71 -18.65 23.42
CA ARG D 134 -6.24 -19.47 22.32
C ARG D 134 -5.02 -19.06 21.52
N GLN D 135 -4.66 -17.80 21.45
CA GLN D 135 -3.42 -17.44 20.78
C GLN D 135 -2.75 -16.15 21.22
N VAL D 136 -1.43 -16.17 21.25
CA VAL D 136 -0.64 -15.00 21.55
C VAL D 136 0.40 -14.84 20.47
N GLN D 137 0.50 -13.65 19.91
CA GLN D 137 1.38 -13.37 18.81
C GLN D 137 2.07 -12.02 18.89
N PHE D 138 3.36 -11.97 18.63
CA PHE D 138 4.09 -10.74 18.73
C PHE D 138 4.49 -10.23 17.38
N GLY D 139 4.54 -8.91 17.22
CA GLY D 139 4.96 -8.30 15.98
C GLY D 139 3.86 -8.11 15.01
N GLN D 140 4.20 -7.75 13.78
CA GLN D 140 3.27 -7.47 12.73
C GLN D 140 2.55 -8.73 12.29
N VAL D 141 1.25 -8.65 12.08
CA VAL D 141 0.45 -9.77 11.61
C VAL D 141 -0.31 -9.41 10.36
N ASP D 142 -0.33 -10.27 9.37
CA ASP D 142 -1.05 -10.01 8.14
C ASP D 142 -2.56 -9.95 8.32
N ASP D 143 -3.22 -9.12 7.54
CA ASP D 143 -4.65 -8.96 7.67
C ASP D 143 -5.34 -10.27 7.38
N PHE D 144 -4.89 -10.96 6.35
CA PHE D 144 -5.42 -12.22 5.96
C PHE D 144 -5.24 -13.27 7.05
N VAL D 145 -4.09 -13.36 7.65
CA VAL D 145 -3.89 -14.30 8.72
C VAL D 145 -4.78 -14.02 9.89
N LEU D 146 -4.89 -12.77 10.25
CA LEU D 146 -5.73 -12.41 11.35
C LEU D 146 -7.19 -12.75 11.05
N GLY D 147 -7.58 -12.62 9.82
CA GLY D 147 -8.90 -13.02 9.41
C GLY D 147 -9.10 -14.50 9.61
N LEU D 148 -8.16 -15.32 9.21
CA LEU D 148 -8.29 -16.75 9.33
C LEU D 148 -8.43 -17.15 10.77
N LEU D 149 -7.58 -16.62 11.64
CA LEU D 149 -7.66 -16.92 13.04
C LEU D 149 -8.95 -16.51 13.72
N LEU D 150 -9.42 -15.30 13.51
CA LEU D 150 -10.66 -14.88 14.09
C LEU D 150 -11.85 -15.67 13.53
N GLY D 151 -11.78 -15.93 12.24
CA GLY D 151 -12.82 -16.62 11.55
C GLY D 151 -12.96 -18.00 12.09
N SER D 152 -11.84 -18.62 12.34
CA SER D 152 -11.87 -19.91 12.93
C SER D 152 -12.45 -19.96 14.35
N LEU D 153 -12.13 -18.98 15.16
CA LEU D 153 -12.67 -18.88 16.48
C LEU D 153 -14.13 -18.61 16.50
N LEU D 154 -14.59 -17.78 15.59
CA LEU D 154 -15.97 -17.46 15.54
C LEU D 154 -16.83 -18.64 15.20
N SER D 155 -16.33 -19.56 14.43
CA SER D 155 -17.18 -20.59 13.90
C SER D 155 -17.09 -21.86 14.65
N GLU D 156 -16.02 -22.02 15.40
CA GLU D 156 -15.79 -23.19 16.23
C GLU D 156 -16.95 -23.62 17.09
N THR D 157 -17.13 -24.93 17.16
CA THR D 157 -18.03 -25.55 18.10
C THR D 157 -17.39 -26.80 18.68
CL CL E . 1.27 -19.28 -6.72
CL CL F . -4.30 6.33 -19.09
CA CA G . 12.15 6.33 -35.96
C ACT H . 9.15 9.03 -33.07
O ACT H . 10.34 9.15 -32.69
OXT ACT H . 8.31 9.62 -32.36
CH3 ACT H . 8.75 8.24 -34.28
CL CL I . 15.19 10.32 9.17
CL CL J . -11.83 2.17 16.73
CL CL K . 4.53 -1.63 36.27
#